data_8AUI
#
_entry.id   8AUI
#
_cell.length_a   57.770
_cell.length_b   84.180
_cell.length_c   157.850
_cell.angle_alpha   90.000
_cell.angle_beta   90.000
_cell.angle_gamma   90.000
#
_symmetry.space_group_name_H-M   'P 2 21 21'
#
loop_
_entity.id
_entity.type
_entity.pdbx_description
1 polymer 'NADH:flavin oxidoreductase'
2 non-polymer 'FLAVIN MONONUCLEOTIDE'
3 non-polymer '2-methoxyethyl (2~{Z})-2-hydroxyimino-3-oxidanylidene-butanoate'
4 non-polymer DI(HYDROXYETHYL)ETHER
5 water water
#
_entity_poly.entity_id   1
_entity_poly.type   'polypeptide(L)'
_entity_poly.pdbx_seq_one_letter_code
;MSALFEPYTLKDVTLRNRIAIPPMCQFMAEDGLINDWHQVHYASMARGGAGLLVVEATAVAPEGRITPGCAGIWSDAHAQ
AFVPVVQAIKAAGSVPGIQIAHAGRKASANRPWEGDDHIGADDARGWETIAPSAIAFGAHLPNVPRAMTLDDIARVKQDF
VDAARRARDAGFEWIELHFAHGYLGQSFFSEHSNKRTDAYGGSFDNRSRFLLETLAAVREVWPENLPLTARFGVLEYDGR
DEQTLEESIELARRFKAGGLDLLSVSVGFTIPETNIPWGPAFMGPIAERVRREAKLPVTSAWGFGTPQLAEAALQANQLD
LVSVGRAHLADPHWAYFAAKELGVEKASWTLPAPYAHWLERYRLEHHHHHH
;
_entity_poly.pdbx_strand_id   A,B
#
loop_
_chem_comp.id
_chem_comp.type
_chem_comp.name
_chem_comp.formula
FMN non-polymer 'FLAVIN MONONUCLEOTIDE' 'C17 H21 N4 O9 P'
O8R non-polymer '2-methoxyethyl (2~{Z})-2-hydroxyimino-3-oxidanylidene-butanoate' 'C7 H11 N O5'
PEG non-polymer DI(HYDROXYETHYL)ETHER 'C4 H10 O3'
#
# COMPACT_ATOMS: atom_id res chain seq x y z
N SER A 2 20.68 -13.90 -6.47
CA SER A 2 20.26 -12.81 -7.33
C SER A 2 20.96 -11.50 -6.93
N ALA A 3 21.53 -10.81 -7.92
CA ALA A 3 22.22 -9.56 -7.64
C ALA A 3 21.26 -8.49 -7.17
N LEU A 4 20.02 -8.50 -7.67
CA LEU A 4 19.04 -7.52 -7.24
C LEU A 4 18.77 -7.59 -5.74
N PHE A 5 18.98 -8.75 -5.12
CA PHE A 5 18.68 -8.90 -3.70
C PHE A 5 19.93 -9.03 -2.85
N GLU A 6 21.07 -8.58 -3.35
CA GLU A 6 22.26 -8.41 -2.53
C GLU A 6 22.19 -7.07 -1.79
N PRO A 7 22.59 -7.04 -0.52
CA PRO A 7 22.64 -5.76 0.20
C PRO A 7 23.69 -4.82 -0.38
N TYR A 8 23.57 -3.55 -0.03
CA TYR A 8 24.48 -2.51 -0.50
C TYR A 8 24.81 -1.57 0.64
N THR A 9 26.10 -1.31 0.86
CA THR A 9 26.52 -0.43 1.94
C THR A 9 27.23 0.78 1.35
N LEU A 10 26.81 1.97 1.78
CA LEU A 10 27.41 3.23 1.35
C LEU A 10 27.45 4.13 2.58
N LYS A 11 28.64 4.58 2.95
CA LYS A 11 28.87 5.28 4.24
C LYS A 11 28.32 4.37 5.34
N ASP A 12 27.56 4.89 6.32
CA ASP A 12 27.05 4.07 7.40
C ASP A 12 25.72 3.39 7.07
N VAL A 13 25.23 3.53 5.86
CA VAL A 13 23.89 3.04 5.50
C VAL A 13 24.02 1.71 4.77
N THR A 14 23.22 0.72 5.18
CA THR A 14 23.14 -0.55 4.47
C THR A 14 21.72 -0.76 3.97
N LEU A 15 21.58 -0.91 2.66
CA LEU A 15 20.29 -1.23 2.03
C LEU A 15 20.14 -2.74 1.95
N ARG A 16 18.93 -3.24 2.21
CA ARG A 16 18.75 -4.69 2.26
C ARG A 16 18.76 -5.34 0.88
N ASN A 17 18.59 -4.57 -0.19
CA ASN A 17 18.69 -5.07 -1.56
C ASN A 17 19.04 -3.89 -2.46
N ARG A 18 19.08 -4.14 -3.77
CA ARG A 18 19.49 -3.14 -4.74
C ARG A 18 18.30 -2.44 -5.41
N ILE A 19 17.10 -2.62 -4.88
CA ILE A 19 15.91 -1.99 -5.42
C ILE A 19 15.73 -0.64 -4.74
N ALA A 20 15.82 0.43 -5.52
CA ALA A 20 15.55 1.78 -5.02
C ALA A 20 14.26 2.29 -5.63
N ILE A 21 13.43 2.95 -4.81
CA ILE A 21 12.27 3.66 -5.32
C ILE A 21 12.68 5.11 -5.56
N PRO A 22 12.74 5.56 -6.81
CA PRO A 22 13.23 6.92 -7.07
C PRO A 22 12.19 7.94 -6.66
N PRO A 23 12.59 9.20 -6.53
CA PRO A 23 11.62 10.25 -6.18
C PRO A 23 10.49 10.32 -7.20
N MET A 24 9.24 10.31 -6.70
CA MET A 24 8.08 10.43 -7.57
C MET A 24 7.07 11.39 -6.95
N CYS A 25 6.99 12.60 -7.50
CA CYS A 25 6.02 13.61 -7.07
C CYS A 25 4.62 13.03 -7.04
N GLN A 26 3.88 13.36 -5.98
CA GLN A 26 2.50 12.92 -5.83
C GLN A 26 1.50 14.03 -6.10
N PHE A 27 1.95 15.28 -6.10
CA PHE A 27 1.10 16.46 -6.35
C PHE A 27 -0.10 16.51 -5.40
N MET A 28 0.07 16.03 -4.16
CA MET A 28 -1.02 15.96 -3.20
C MET A 28 -0.80 16.79 -1.95
N ALA A 29 0.29 17.56 -1.90
CA ALA A 29 0.56 18.40 -0.75
C ALA A 29 -0.23 19.71 -0.86
N GLU A 30 -0.38 20.39 0.27
N GLU A 30 -0.35 20.41 0.26
CA GLU A 30 -1.03 21.70 0.29
CA GLU A 30 -1.04 21.70 0.32
C GLU A 30 -0.12 22.67 1.02
C GLU A 30 -0.14 22.69 1.03
N ASP A 31 0.17 23.80 0.36
CA ASP A 31 1.11 24.79 0.88
C ASP A 31 2.41 24.12 1.33
N GLY A 32 2.82 23.11 0.56
CA GLY A 32 4.05 22.38 0.82
C GLY A 32 3.97 21.29 1.87
N LEU A 33 2.85 21.19 2.59
CA LEU A 33 2.74 20.24 3.70
C LEU A 33 2.22 18.90 3.18
N ILE A 34 2.93 17.83 3.50
CA ILE A 34 2.43 16.51 3.12
C ILE A 34 1.32 16.11 4.09
N ASN A 35 0.65 15.00 3.79
CA ASN A 35 -0.55 14.64 4.55
C ASN A 35 -0.75 13.14 4.45
N ASP A 36 -1.98 12.68 4.73
CA ASP A 36 -2.22 11.25 4.78
C ASP A 36 -2.06 10.57 3.42
N TRP A 37 -2.17 11.33 2.31
CA TRP A 37 -1.84 10.70 1.04
C TRP A 37 -0.43 10.15 1.07
N HIS A 38 0.53 11.01 1.43
CA HIS A 38 1.94 10.63 1.42
C HIS A 38 2.23 9.59 2.49
N GLN A 39 1.62 9.73 3.68
CA GLN A 39 1.93 8.81 4.77
C GLN A 39 1.67 7.36 4.35
N VAL A 40 0.48 7.09 3.80
CA VAL A 40 0.15 5.73 3.39
C VAL A 40 0.94 5.33 2.15
N HIS A 41 1.07 6.24 1.19
CA HIS A 41 1.78 5.97 -0.05
C HIS A 41 3.20 5.47 0.21
N TYR A 42 3.93 6.20 1.06
CA TYR A 42 5.32 5.85 1.32
C TYR A 42 5.44 4.64 2.23
N ALA A 43 4.62 4.56 3.29
CA ALA A 43 4.70 3.41 4.18
C ALA A 43 4.40 2.11 3.46
N SER A 44 3.39 2.12 2.58
CA SER A 44 3.02 0.90 1.85
C SER A 44 4.14 0.43 0.92
N MET A 45 4.76 1.37 0.18
CA MET A 45 5.85 0.97 -0.71
C MET A 45 7.05 0.46 0.08
N ALA A 46 7.33 1.05 1.24
CA ALA A 46 8.46 0.59 2.04
C ALA A 46 8.24 -0.82 2.55
N ARG A 47 7.01 -1.12 3.00
CA ARG A 47 6.67 -2.46 3.38
C ARG A 47 6.76 -3.44 2.21
N GLY A 48 6.68 -2.94 0.97
CA GLY A 48 6.75 -3.78 -0.21
C GLY A 48 8.11 -4.44 -0.40
N GLY A 49 9.15 -3.93 0.24
CA GLY A 49 10.44 -4.60 0.27
C GLY A 49 11.61 -3.83 -0.31
N ALA A 50 11.39 -2.71 -0.99
CA ALA A 50 12.52 -1.98 -1.56
C ALA A 50 13.49 -1.57 -0.46
N GLY A 51 14.78 -1.62 -0.79
CA GLY A 51 15.80 -1.31 0.20
C GLY A 51 15.96 0.17 0.47
N LEU A 52 15.63 1.02 -0.50
CA LEU A 52 15.77 2.47 -0.39
C LEU A 52 14.53 3.13 -0.97
N LEU A 53 14.01 4.13 -0.29
CA LEU A 53 12.86 4.88 -0.77
C LEU A 53 13.23 6.36 -0.74
N VAL A 54 13.46 6.96 -1.91
CA VAL A 54 13.76 8.38 -1.99
C VAL A 54 12.44 9.14 -2.14
N VAL A 55 12.12 9.95 -1.14
CA VAL A 55 10.90 10.75 -1.20
C VAL A 55 10.98 11.76 -2.34
N GLU A 56 9.83 12.03 -2.95
CA GLU A 56 9.64 12.93 -4.08
C GLU A 56 10.34 14.28 -3.97
N ALA A 57 10.57 14.91 -5.12
CA ALA A 57 11.10 16.28 -5.20
C ALA A 57 10.42 17.18 -4.18
N THR A 58 11.20 17.68 -3.22
CA THR A 58 10.69 18.52 -2.14
C THR A 58 11.35 19.88 -2.24
N ALA A 59 10.53 20.92 -2.42
CA ALA A 59 11.05 22.24 -2.75
C ALA A 59 11.77 22.91 -1.60
N VAL A 60 12.92 23.52 -1.90
CA VAL A 60 13.68 24.24 -0.89
C VAL A 60 13.17 25.64 -0.63
N ALA A 61 12.22 26.10 -1.43
CA ALA A 61 11.64 27.44 -1.34
C ALA A 61 10.29 27.39 -2.03
N PRO A 62 9.34 28.25 -1.65
CA PRO A 62 7.99 28.11 -2.22
C PRO A 62 7.96 28.21 -3.73
N GLU A 63 8.73 29.13 -4.30
CA GLU A 63 8.72 29.29 -5.75
C GLU A 63 9.47 28.16 -6.46
N GLY A 64 10.13 27.29 -5.70
CA GLY A 64 10.80 26.12 -6.25
C GLY A 64 9.93 24.89 -6.36
N ARG A 65 8.68 24.96 -5.92
CA ARG A 65 7.74 23.88 -6.22
C ARG A 65 7.49 23.81 -7.72
N ILE A 66 7.20 22.62 -8.23
CA ILE A 66 6.72 22.53 -9.60
C ILE A 66 5.30 23.04 -9.68
N THR A 67 4.45 22.58 -8.79
CA THR A 67 3.01 22.81 -8.81
C THR A 67 2.50 23.19 -7.44
N PRO A 68 1.24 23.67 -7.34
CA PRO A 68 0.65 23.89 -6.01
C PRO A 68 0.49 22.62 -5.18
N GLY A 69 0.66 21.44 -5.76
CA GLY A 69 0.58 20.21 -5.01
C GLY A 69 1.92 19.66 -4.55
N CYS A 70 3.01 20.39 -4.77
CA CYS A 70 4.33 19.85 -4.44
C CYS A 70 4.66 20.01 -2.96
N ALA A 71 5.40 19.03 -2.45
CA ALA A 71 5.92 19.07 -1.09
C ALA A 71 7.04 20.11 -0.99
N GLY A 72 7.18 20.67 0.22
CA GLY A 72 8.23 21.63 0.49
C GLY A 72 8.89 21.32 1.82
N ILE A 73 10.07 21.90 2.00
CA ILE A 73 10.79 21.73 3.26
C ILE A 73 11.47 23.05 3.60
N TRP A 74 10.79 24.16 3.29
CA TRP A 74 11.38 25.48 3.43
C TRP A 74 11.14 26.12 4.78
N SER A 75 10.52 25.38 5.71
CA SER A 75 10.37 25.83 7.08
C SER A 75 10.47 24.61 8.00
N ASP A 76 10.68 24.88 9.29
CA ASP A 76 10.78 23.78 10.23
C ASP A 76 9.46 23.01 10.37
N ALA A 77 8.32 23.69 10.22
CA ALA A 77 7.03 23.00 10.23
C ALA A 77 6.91 22.02 9.06
N HIS A 78 7.39 22.42 7.89
CA HIS A 78 7.40 21.50 6.75
C HIS A 78 8.24 20.27 7.04
N ALA A 79 9.42 20.47 7.65
CA ALA A 79 10.30 19.35 7.94
C ALA A 79 9.68 18.41 8.97
N GLN A 80 9.06 18.95 10.01
CA GLN A 80 8.44 18.10 11.02
C GLN A 80 7.36 17.21 10.42
N ALA A 81 6.66 17.69 9.39
CA ALA A 81 5.63 16.86 8.76
C ALA A 81 6.21 15.60 8.13
N PHE A 82 7.51 15.61 7.79
CA PHE A 82 8.11 14.41 7.22
C PHE A 82 8.49 13.38 8.26
N VAL A 83 8.56 13.76 9.54
CA VAL A 83 9.05 12.82 10.55
C VAL A 83 8.27 11.52 10.57
N PRO A 84 6.93 11.50 10.54
CA PRO A 84 6.24 10.20 10.51
C PRO A 84 6.46 9.43 9.22
N VAL A 85 6.75 10.09 8.09
CA VAL A 85 7.08 9.36 6.87
C VAL A 85 8.45 8.70 7.02
N VAL A 86 9.45 9.47 7.48
CA VAL A 86 10.76 8.92 7.76
C VAL A 86 10.66 7.69 8.64
N GLN A 87 9.91 7.81 9.74
CA GLN A 87 9.89 6.75 10.72
C GLN A 87 9.12 5.53 10.23
N ALA A 88 8.09 5.73 9.38
CA ALA A 88 7.36 4.60 8.82
C ALA A 88 8.19 3.84 7.79
N ILE A 89 9.01 4.55 7.01
CA ILE A 89 9.89 3.87 6.07
C ILE A 89 10.90 3.03 6.83
N LYS A 90 11.52 3.63 7.87
N LYS A 90 11.50 3.61 7.88
CA LYS A 90 12.46 2.90 8.72
CA LYS A 90 12.48 2.87 8.68
C LYS A 90 11.81 1.70 9.39
C LYS A 90 11.83 1.71 9.43
N ALA A 91 10.58 1.88 9.89
CA ALA A 91 9.91 0.79 10.61
C ALA A 91 9.69 -0.41 9.69
N ALA A 92 9.56 -0.16 8.39
CA ALA A 92 9.39 -1.22 7.41
C ALA A 92 10.71 -1.88 7.01
N GLY A 93 11.84 -1.42 7.54
CA GLY A 93 13.12 -1.99 7.17
C GLY A 93 13.74 -1.38 5.94
N SER A 94 13.16 -0.32 5.39
CA SER A 94 13.72 0.39 4.25
C SER A 94 14.50 1.60 4.74
N VAL A 95 15.28 2.20 3.86
CA VAL A 95 16.08 3.38 4.20
C VAL A 95 15.38 4.61 3.65
N PRO A 96 15.08 5.62 4.49
CA PRO A 96 14.38 6.82 3.99
C PRO A 96 15.37 7.83 3.42
N GLY A 97 15.13 8.21 2.16
CA GLY A 97 15.87 9.29 1.55
C GLY A 97 14.91 10.38 1.09
N ILE A 98 15.48 11.51 0.67
CA ILE A 98 14.67 12.61 0.17
C ILE A 98 15.43 13.33 -0.92
N GLN A 99 14.71 13.72 -1.97
CA GLN A 99 15.24 14.57 -3.03
C GLN A 99 14.82 16.02 -2.74
N ILE A 100 15.81 16.91 -2.57
CA ILE A 100 15.49 18.32 -2.38
C ILE A 100 15.76 19.07 -3.68
N ALA A 101 14.91 20.05 -3.97
CA ALA A 101 14.68 20.44 -5.36
C ALA A 101 14.34 21.92 -5.48
N HIS A 102 14.53 22.44 -6.69
CA HIS A 102 14.03 23.76 -7.07
C HIS A 102 13.69 23.71 -8.54
N ALA A 103 12.42 23.93 -8.87
CA ALA A 103 11.91 23.69 -10.22
C ALA A 103 12.33 24.74 -11.24
N GLY A 104 12.92 25.86 -10.82
CA GLY A 104 13.40 26.82 -11.80
C GLY A 104 12.31 27.29 -12.75
N ARG A 105 12.61 27.31 -14.05
CA ARG A 105 11.67 27.86 -15.00
C ARG A 105 10.47 26.95 -15.25
N LYS A 106 10.52 25.69 -14.81
CA LYS A 106 9.40 24.79 -14.92
C LYS A 106 8.40 24.91 -13.77
N ALA A 107 8.62 25.84 -12.84
CA ALA A 107 7.75 26.00 -11.68
C ALA A 107 6.44 26.70 -12.07
N SER A 108 5.53 26.78 -11.08
CA SER A 108 4.22 27.41 -11.25
C SER A 108 3.43 26.74 -12.39
N ALA A 109 3.31 25.42 -12.31
CA ALA A 109 2.67 24.62 -13.33
C ALA A 109 1.49 23.87 -12.72
N ASN A 110 0.53 23.53 -13.57
CA ASN A 110 -0.60 22.72 -13.14
C ASN A 110 -0.16 21.28 -12.88
N ARG A 111 -0.94 20.59 -12.04
N ARG A 111 -0.95 20.59 -12.05
CA ARG A 111 -0.73 19.17 -11.86
CA ARG A 111 -0.74 19.16 -11.86
C ARG A 111 -0.87 18.45 -13.20
C ARG A 111 -0.87 18.44 -13.21
N PRO A 112 -0.17 17.32 -13.38
CA PRO A 112 -0.19 16.65 -14.70
C PRO A 112 -1.57 16.25 -15.19
N TRP A 113 -2.47 15.86 -14.31
CA TRP A 113 -3.83 15.52 -14.73
C TRP A 113 -4.77 16.72 -14.71
N GLU A 114 -4.24 17.92 -14.56
CA GLU A 114 -5.02 19.16 -14.56
C GLU A 114 -4.46 20.15 -15.57
N GLY A 115 -3.93 19.64 -16.69
CA GLY A 115 -3.45 20.45 -17.79
C GLY A 115 -1.95 20.33 -18.03
N ASP A 116 -1.18 20.09 -16.98
CA ASP A 116 0.26 19.87 -17.06
C ASP A 116 1.01 21.08 -17.60
N ASP A 117 0.37 22.24 -17.67
CA ASP A 117 0.93 23.42 -18.32
C ASP A 117 1.16 24.52 -17.29
N HIS A 118 1.86 25.56 -17.73
CA HIS A 118 2.08 26.71 -16.85
C HIS A 118 0.73 27.32 -16.43
N ILE A 119 0.65 27.67 -15.15
CA ILE A 119 -0.55 28.28 -14.59
C ILE A 119 -0.79 29.64 -15.24
N GLY A 120 -2.05 29.94 -15.55
CA GLY A 120 -2.36 31.19 -16.21
C GLY A 120 -2.21 32.38 -15.28
N ALA A 121 -1.82 33.52 -15.86
CA ALA A 121 -1.54 34.72 -15.07
C ALA A 121 -2.76 35.24 -14.33
N ASP A 122 -3.95 34.82 -14.72
CA ASP A 122 -5.19 35.17 -14.04
C ASP A 122 -5.55 34.20 -12.93
N ASP A 123 -4.78 33.12 -12.76
CA ASP A 123 -5.05 32.08 -11.78
C ASP A 123 -4.38 32.44 -10.46
N ALA A 124 -5.16 32.45 -9.38
CA ALA A 124 -4.67 32.89 -8.08
C ALA A 124 -3.61 31.96 -7.48
N ARG A 125 -3.34 30.82 -8.12
CA ARG A 125 -2.38 29.87 -7.57
C ARG A 125 -0.96 30.09 -8.08
N GLY A 126 -0.77 30.91 -9.12
CA GLY A 126 0.53 31.02 -9.76
C GLY A 126 1.51 31.94 -9.04
N TRP A 127 2.77 31.87 -9.49
CA TRP A 127 3.83 32.67 -8.90
C TRP A 127 4.94 32.92 -9.91
N GLU A 128 5.79 33.89 -9.61
CA GLU A 128 6.92 34.23 -10.47
C GLU A 128 8.01 33.17 -10.38
N THR A 129 8.50 32.72 -11.52
CA THR A 129 9.56 31.73 -11.59
C THR A 129 10.92 32.41 -11.77
N ILE A 130 11.98 31.67 -11.42
CA ILE A 130 13.35 32.17 -11.54
C ILE A 130 14.18 31.13 -12.27
N ALA A 131 15.28 31.58 -12.88
CA ALA A 131 16.10 30.73 -13.73
C ALA A 131 17.44 31.43 -13.97
N PRO A 132 18.44 30.72 -14.52
CA PRO A 132 19.70 31.40 -14.87
C PRO A 132 19.49 32.56 -15.83
N SER A 133 18.60 32.41 -16.81
CA SER A 133 18.38 33.41 -17.85
C SER A 133 16.89 33.52 -18.13
N ALA A 134 16.47 34.72 -18.56
CA ALA A 134 15.07 35.00 -18.87
C ALA A 134 14.70 34.39 -20.22
N ILE A 135 14.64 33.05 -20.23
CA ILE A 135 14.34 32.27 -21.43
C ILE A 135 13.32 31.21 -21.03
N ALA A 136 12.24 31.09 -21.80
CA ALA A 136 11.20 30.13 -21.50
C ALA A 136 11.54 28.75 -22.04
N PHE A 137 11.09 27.72 -21.32
CA PHE A 137 11.18 26.35 -21.82
C PHE A 137 10.50 26.22 -23.18
N GLY A 138 9.34 26.85 -23.34
CA GLY A 138 8.54 26.73 -24.54
C GLY A 138 7.43 25.72 -24.37
N ALA A 139 6.80 25.41 -25.50
CA ALA A 139 5.75 24.37 -25.60
C ALA A 139 4.70 24.64 -24.52
N HIS A 140 4.39 23.68 -23.66
CA HIS A 140 3.37 23.84 -22.63
C HIS A 140 3.84 24.65 -21.44
N LEU A 141 5.10 25.11 -21.42
CA LEU A 141 5.66 25.93 -20.34
C LEU A 141 6.18 27.24 -20.93
N PRO A 142 5.28 28.12 -21.36
CA PRO A 142 5.72 29.35 -22.04
C PRO A 142 6.13 30.50 -21.13
N ASN A 143 5.91 30.41 -19.82
CA ASN A 143 6.19 31.55 -18.96
C ASN A 143 7.68 31.85 -18.92
N VAL A 144 8.03 33.12 -19.11
CA VAL A 144 9.44 33.52 -19.07
C VAL A 144 9.86 33.74 -17.63
N PRO A 145 10.90 33.07 -17.16
CA PRO A 145 11.36 33.26 -15.79
C PRO A 145 12.13 34.57 -15.62
N ARG A 146 12.25 34.98 -14.37
CA ARG A 146 13.11 36.11 -14.01
C ARG A 146 14.54 35.62 -13.90
N ALA A 147 15.47 36.32 -14.55
CA ALA A 147 16.87 35.94 -14.48
C ALA A 147 17.44 36.23 -13.10
N MET A 148 18.10 35.24 -12.51
CA MET A 148 18.59 35.35 -11.15
C MET A 148 19.76 36.33 -11.06
N THR A 149 19.80 37.08 -9.96
CA THR A 149 20.96 37.90 -9.64
C THR A 149 21.93 37.10 -8.78
N LEU A 150 23.11 37.67 -8.54
CA LEU A 150 24.05 37.04 -7.62
C LEU A 150 23.44 36.85 -6.24
N ASP A 151 22.61 37.80 -5.79
CA ASP A 151 21.95 37.64 -4.51
C ASP A 151 20.97 36.47 -4.53
N ASP A 152 20.23 36.31 -5.63
CA ASP A 152 19.36 35.14 -5.77
C ASP A 152 20.15 33.86 -5.67
N ILE A 153 21.31 33.82 -6.32
CA ILE A 153 22.12 32.60 -6.31
C ILE A 153 22.56 32.29 -4.89
N ALA A 154 23.00 33.31 -4.14
CA ALA A 154 23.38 33.09 -2.75
C ALA A 154 22.21 32.58 -1.93
N ARG A 155 21.01 33.14 -2.15
CA ARG A 155 19.85 32.77 -1.35
C ARG A 155 19.40 31.34 -1.66
N VAL A 156 19.34 30.97 -2.95
CA VAL A 156 18.90 29.62 -3.28
C VAL A 156 19.89 28.59 -2.75
N LYS A 157 21.19 28.87 -2.84
CA LYS A 157 22.18 27.98 -2.24
C LYS A 157 21.92 27.80 -0.76
N GLN A 158 21.68 28.90 -0.04
CA GLN A 158 21.37 28.81 1.38
C GLN A 158 20.08 28.03 1.62
N ASP A 159 19.11 28.15 0.70
CA ASP A 159 17.87 27.37 0.86
C ASP A 159 18.13 25.89 0.75
N PHE A 160 19.01 25.47 -0.16
CA PHE A 160 19.41 24.05 -0.23
C PHE A 160 20.11 23.63 1.05
N VAL A 161 20.99 24.48 1.59
CA VAL A 161 21.65 24.16 2.85
C VAL A 161 20.62 23.98 3.96
N ASP A 162 19.73 24.96 4.13
CA ASP A 162 18.71 24.86 5.17
C ASP A 162 17.85 23.61 4.99
N ALA A 163 17.51 23.29 3.74
CA ALA A 163 16.68 22.11 3.48
C ALA A 163 17.43 20.83 3.85
N ALA A 164 18.73 20.77 3.54
CA ALA A 164 19.51 19.60 3.91
C ALA A 164 19.59 19.44 5.43
N ARG A 165 19.76 20.56 6.16
CA ARG A 165 19.81 20.49 7.61
C ARG A 165 18.47 20.04 8.17
N ARG A 166 17.37 20.54 7.61
CA ARG A 166 16.04 20.08 8.05
C ARG A 166 15.83 18.61 7.76
N ALA A 167 16.26 18.14 6.58
CA ALA A 167 16.09 16.74 6.25
C ALA A 167 16.90 15.86 7.20
N ARG A 168 18.12 16.29 7.53
CA ARG A 168 18.93 15.59 8.52
C ARG A 168 18.19 15.44 9.84
N ASP A 169 17.67 16.55 10.35
CA ASP A 169 17.01 16.50 11.66
C ASP A 169 15.72 15.69 11.63
N ALA A 170 15.04 15.63 10.48
CA ALA A 170 13.84 14.83 10.38
C ALA A 170 14.14 13.33 10.38
N GLY A 171 15.40 12.96 10.18
CA GLY A 171 15.82 11.58 10.23
C GLY A 171 16.10 10.91 8.89
N PHE A 172 16.07 11.66 7.78
CA PHE A 172 16.45 11.05 6.51
C PHE A 172 17.91 10.62 6.56
N GLU A 173 18.18 9.46 5.95
CA GLU A 173 19.49 8.84 6.01
C GLU A 173 20.21 8.89 4.67
N TRP A 174 19.66 9.65 3.74
CA TRP A 174 20.07 9.61 2.34
C TRP A 174 19.50 10.87 1.71
N ILE A 175 20.33 11.70 1.06
CA ILE A 175 19.83 12.92 0.45
C ILE A 175 20.21 12.91 -1.03
N GLU A 176 19.31 13.46 -1.86
CA GLU A 176 19.56 13.57 -3.29
C GLU A 176 19.30 15.01 -3.73
N LEU A 177 20.34 15.67 -4.25
CA LEU A 177 20.18 17.02 -4.80
C LEU A 177 19.61 16.91 -6.20
N HIS A 178 18.49 17.59 -6.45
CA HIS A 178 17.83 17.46 -7.76
C HIS A 178 18.46 18.42 -8.75
N PHE A 179 19.49 17.94 -9.45
CA PHE A 179 20.15 18.71 -10.49
C PHE A 179 19.77 18.23 -11.89
N ALA A 180 18.60 17.59 -12.05
CA ALA A 180 18.23 16.98 -13.31
C ALA A 180 16.92 17.57 -13.84
N HIS A 181 16.52 17.10 -15.02
CA HIS A 181 15.16 17.18 -15.53
C HIS A 181 14.74 18.60 -15.88
N GLY A 182 15.71 19.46 -16.20
CA GLY A 182 15.43 20.78 -16.67
C GLY A 182 15.03 21.78 -15.63
N TYR A 183 15.09 21.39 -14.34
CA TYR A 183 14.78 22.30 -13.25
C TYR A 183 16.01 23.19 -12.98
N LEU A 184 16.08 23.84 -11.81
CA LEU A 184 17.04 24.94 -11.67
C LEU A 184 18.47 24.49 -11.90
N GLY A 185 18.91 23.45 -11.18
CA GLY A 185 20.29 23.00 -11.31
C GLY A 185 20.65 22.58 -12.73
N GLN A 186 19.81 21.75 -13.36
CA GLN A 186 20.08 21.35 -14.75
C GLN A 186 20.18 22.56 -15.66
N SER A 187 19.34 23.57 -15.43
CA SER A 187 19.28 24.70 -16.35
C SER A 187 20.49 25.61 -16.22
N PHE A 188 21.16 25.61 -15.06
CA PHE A 188 22.44 26.31 -14.97
C PHE A 188 23.51 25.61 -15.79
N PHE A 189 23.48 24.28 -15.83
CA PHE A 189 24.53 23.57 -16.56
C PHE A 189 24.36 23.70 -18.07
N SER A 190 23.12 23.67 -18.57
CA SER A 190 22.88 23.55 -20.00
C SER A 190 23.03 24.88 -20.72
N GLU A 191 23.78 24.88 -21.82
CA GLU A 191 23.88 26.07 -22.66
C GLU A 191 22.55 26.42 -23.31
N HIS A 192 21.59 25.49 -23.37
CA HIS A 192 20.27 25.80 -23.92
C HIS A 192 19.59 26.89 -23.09
N SER A 193 19.73 26.82 -21.76
CA SER A 193 18.96 27.67 -20.86
C SER A 193 19.81 28.69 -20.13
N ASN A 194 21.13 28.52 -20.12
CA ASN A 194 22.04 29.42 -19.43
C ASN A 194 22.76 30.27 -20.48
N LYS A 195 22.33 31.54 -20.58
CA LYS A 195 22.98 32.53 -21.43
C LYS A 195 23.72 33.59 -20.63
N ARG A 196 24.03 33.30 -19.36
CA ARG A 196 24.62 34.31 -18.49
C ARG A 196 26.01 34.72 -18.99
N THR A 197 26.39 35.95 -18.63
CA THR A 197 27.69 36.51 -18.99
C THR A 197 28.56 36.78 -17.76
N ASP A 198 28.16 36.32 -16.58
CA ASP A 198 28.92 36.47 -15.36
C ASP A 198 29.61 35.14 -15.02
N ALA A 199 30.02 35.00 -13.75
CA ALA A 199 30.76 33.82 -13.32
C ALA A 199 29.95 32.53 -13.38
N TYR A 200 28.64 32.62 -13.64
CA TYR A 200 27.78 31.43 -13.61
C TYR A 200 27.28 31.01 -14.99
N GLY A 201 27.87 31.54 -16.07
CA GLY A 201 27.50 31.12 -17.40
C GLY A 201 28.67 31.24 -18.35
N GLY A 202 28.51 30.61 -19.51
CA GLY A 202 29.57 30.63 -20.51
C GLY A 202 30.39 29.36 -20.51
N SER A 203 31.55 29.42 -19.86
CA SER A 203 32.48 28.30 -19.86
C SER A 203 31.88 27.10 -19.10
N PHE A 204 32.55 25.95 -19.27
CA PHE A 204 32.18 24.77 -18.50
C PHE A 204 32.33 25.02 -17.01
N ASP A 205 33.44 25.63 -16.59
CA ASP A 205 33.62 25.93 -15.17
C ASP A 205 32.49 26.80 -14.65
N ASN A 206 32.10 27.81 -15.42
CA ASN A 206 31.06 28.74 -14.99
C ASN A 206 29.70 28.06 -14.92
N ARG A 207 29.34 27.28 -15.96
CA ARG A 207 28.05 26.60 -15.95
C ARG A 207 27.98 25.53 -14.86
N SER A 208 29.12 24.94 -14.51
CA SER A 208 29.18 23.99 -13.42
C SER A 208 29.09 24.65 -12.04
N ARG A 209 29.34 25.96 -11.97
CA ARG A 209 29.62 26.62 -10.70
C ARG A 209 28.45 26.54 -9.73
N PHE A 210 27.22 26.81 -10.20
CA PHE A 210 26.08 26.77 -9.30
C PHE A 210 25.91 25.38 -8.70
N LEU A 211 26.12 24.34 -9.51
CA LEU A 211 25.93 22.98 -9.03
C LEU A 211 27.05 22.59 -8.06
N LEU A 212 28.30 22.92 -8.39
CA LEU A 212 29.39 22.60 -7.49
C LEU A 212 29.31 23.41 -6.18
N GLU A 213 28.94 24.69 -6.27
CA GLU A 213 28.84 25.51 -5.06
C GLU A 213 27.67 25.05 -4.18
N THR A 214 26.56 24.64 -4.79
CA THR A 214 25.45 24.13 -3.98
C THR A 214 25.84 22.84 -3.31
N LEU A 215 26.47 21.93 -4.05
CA LEU A 215 26.94 20.67 -3.45
C LEU A 215 27.87 20.95 -2.29
N ALA A 216 28.81 21.89 -2.47
CA ALA A 216 29.79 22.15 -1.41
C ALA A 216 29.13 22.77 -0.19
N ALA A 217 28.14 23.62 -0.38
CA ALA A 217 27.44 24.23 0.74
C ALA A 217 26.63 23.20 1.51
N VAL A 218 25.96 22.30 0.79
CA VAL A 218 25.22 21.23 1.43
C VAL A 218 26.17 20.29 2.16
N ARG A 219 27.33 20.02 1.56
N ARG A 219 27.33 20.02 1.56
CA ARG A 219 28.28 19.10 2.17
CA ARG A 219 28.30 19.11 2.15
C ARG A 219 28.70 19.56 3.56
C ARG A 219 28.71 19.57 3.55
N GLU A 220 28.69 20.88 3.81
CA GLU A 220 29.08 21.39 5.12
C GLU A 220 28.12 20.97 6.23
N VAL A 221 26.82 20.82 5.92
CA VAL A 221 25.83 20.51 6.94
C VAL A 221 25.30 19.09 6.86
N TRP A 222 25.48 18.38 5.74
CA TRP A 222 25.01 17.02 5.66
C TRP A 222 26.06 16.08 6.27
N PRO A 223 25.65 15.13 7.11
CA PRO A 223 26.64 14.29 7.81
C PRO A 223 27.54 13.51 6.86
N GLU A 224 28.83 13.45 7.20
CA GLU A 224 29.79 12.71 6.39
C GLU A 224 29.47 11.23 6.34
N ASN A 225 28.77 10.70 7.35
CA ASN A 225 28.50 9.27 7.42
C ASN A 225 27.17 8.87 6.79
N LEU A 226 26.46 9.80 6.14
CA LEU A 226 25.24 9.47 5.41
C LEU A 226 25.41 9.80 3.94
N PRO A 227 24.93 8.94 3.03
CA PRO A 227 25.14 9.17 1.60
C PRO A 227 24.64 10.54 1.14
N LEU A 228 25.53 11.24 0.42
CA LEU A 228 25.26 12.51 -0.23
C LEU A 228 25.23 12.23 -1.73
N THR A 229 24.06 12.34 -2.35
CA THR A 229 23.90 12.00 -3.77
C THR A 229 23.26 13.16 -4.52
N ALA A 230 23.21 13.01 -5.83
CA ALA A 230 22.56 13.98 -6.70
C ALA A 230 22.00 13.26 -7.92
N ARG A 231 20.96 13.83 -8.50
CA ARG A 231 20.43 13.38 -9.78
C ARG A 231 20.83 14.41 -10.84
N PHE A 232 21.33 13.94 -11.97
CA PHE A 232 21.83 14.85 -12.99
C PHE A 232 21.53 14.27 -14.36
N GLY A 233 21.01 15.11 -15.25
CA GLY A 233 20.78 14.68 -16.62
C GLY A 233 22.05 14.81 -17.42
N VAL A 234 22.57 13.69 -17.92
CA VAL A 234 23.90 13.70 -18.52
C VAL A 234 23.88 13.87 -20.03
N LEU A 235 22.70 13.79 -20.66
CA LEU A 235 22.58 14.11 -22.09
C LEU A 235 21.13 14.53 -22.33
N GLU A 236 20.90 15.17 -23.48
CA GLU A 236 19.58 15.70 -23.79
C GLU A 236 18.90 15.01 -24.96
N TYR A 237 19.63 14.21 -25.74
CA TYR A 237 19.13 13.69 -27.01
C TYR A 237 18.70 14.84 -27.91
N ASP A 238 19.60 15.82 -28.04
CA ASP A 238 19.38 17.07 -28.75
C ASP A 238 20.34 17.23 -29.92
N GLY A 239 20.93 16.14 -30.39
CA GLY A 239 21.94 16.21 -31.43
C GLY A 239 23.33 16.61 -30.96
N ARG A 240 23.51 16.84 -29.66
CA ARG A 240 24.80 17.22 -29.09
C ARG A 240 25.28 16.20 -28.06
N ASP A 241 24.91 14.93 -28.25
CA ASP A 241 25.00 13.95 -27.17
C ASP A 241 26.44 13.61 -26.80
N GLU A 242 27.32 13.47 -27.79
CA GLU A 242 28.69 13.06 -27.47
C GLU A 242 29.40 14.15 -26.66
N GLN A 243 29.34 15.41 -27.12
CA GLN A 243 29.97 16.48 -26.37
C GLN A 243 29.31 16.68 -25.01
N THR A 244 27.97 16.60 -24.95
CA THR A 244 27.28 16.82 -23.69
C THR A 244 27.60 15.73 -22.68
N LEU A 245 27.64 14.47 -23.12
N LEU A 245 27.61 14.47 -23.12
CA LEU A 245 27.96 13.38 -22.20
CA LEU A 245 27.97 13.37 -22.22
C LEU A 245 29.39 13.48 -21.67
C LEU A 245 29.37 13.57 -21.66
N GLU A 246 30.33 13.90 -22.53
CA GLU A 246 31.69 14.08 -22.07
C GLU A 246 31.77 15.19 -21.01
N GLU A 247 31.07 16.30 -21.22
CA GLU A 247 31.05 17.36 -20.22
C GLU A 247 30.37 16.89 -18.94
N SER A 248 29.26 16.16 -19.09
CA SER A 248 28.53 15.70 -17.92
C SER A 248 29.37 14.73 -17.10
N ILE A 249 30.15 13.89 -17.77
CA ILE A 249 31.01 12.95 -17.06
C ILE A 249 32.13 13.70 -16.33
N GLU A 250 32.69 14.74 -16.96
CA GLU A 250 33.67 15.55 -16.25
C GLU A 250 33.05 16.21 -15.01
N LEU A 251 31.80 16.69 -15.12
CA LEU A 251 31.17 17.26 -13.93
C LEU A 251 31.00 16.20 -12.85
N ALA A 252 30.66 14.97 -13.25
CA ALA A 252 30.58 13.88 -12.28
C ALA A 252 31.91 13.66 -11.58
N ARG A 253 33.03 13.78 -12.31
CA ARG A 253 34.32 13.67 -11.65
C ARG A 253 34.49 14.77 -10.59
N ARG A 254 34.02 15.97 -10.90
N ARG A 254 34.04 15.98 -10.92
CA ARG A 254 34.16 17.05 -9.93
CA ARG A 254 34.14 17.07 -9.96
C ARG A 254 33.16 16.92 -8.80
C ARG A 254 33.18 16.88 -8.80
N PHE A 255 31.99 16.31 -9.05
CA PHE A 255 31.10 15.96 -7.95
C PHE A 255 31.79 14.99 -7.00
N LYS A 256 32.46 13.96 -7.55
CA LYS A 256 33.16 13.00 -6.72
C LYS A 256 34.26 13.69 -5.89
N ALA A 257 35.02 14.58 -6.52
CA ALA A 257 36.05 15.32 -5.80
C ALA A 257 35.46 16.21 -4.70
N GLY A 258 34.18 16.59 -4.85
CA GLY A 258 33.44 17.36 -3.88
C GLY A 258 32.65 16.53 -2.88
N GLY A 259 32.91 15.24 -2.80
CA GLY A 259 32.33 14.42 -1.76
C GLY A 259 31.04 13.70 -2.12
N LEU A 260 30.61 13.73 -3.37
CA LEU A 260 29.40 13.01 -3.75
C LEU A 260 29.65 11.50 -3.66
N ASP A 261 28.68 10.79 -3.08
CA ASP A 261 28.82 9.35 -2.85
C ASP A 261 28.21 8.50 -3.96
N LEU A 262 27.23 9.03 -4.69
CA LEU A 262 26.52 8.26 -5.71
C LEU A 262 25.79 9.25 -6.61
N LEU A 263 25.75 8.94 -7.91
CA LEU A 263 25.06 9.78 -8.89
C LEU A 263 23.88 9.04 -9.48
N SER A 264 22.70 9.66 -9.42
CA SER A 264 21.52 9.14 -10.12
C SER A 264 21.57 9.71 -11.53
N VAL A 265 21.80 8.85 -12.51
CA VAL A 265 22.06 9.27 -13.88
C VAL A 265 20.74 9.34 -14.64
N SER A 266 20.47 10.49 -15.25
CA SER A 266 19.18 10.69 -15.90
C SER A 266 19.38 11.43 -17.22
N VAL A 267 18.26 11.88 -17.79
CA VAL A 267 18.21 12.67 -19.01
C VAL A 267 17.91 14.12 -18.62
N GLY A 268 18.38 15.06 -19.45
CA GLY A 268 18.29 16.47 -19.07
C GLY A 268 16.88 17.04 -19.06
N PHE A 269 16.09 16.73 -20.09
CA PHE A 269 14.76 17.34 -20.28
C PHE A 269 14.82 18.87 -20.17
N THR A 270 15.91 19.48 -20.65
CA THR A 270 16.06 20.92 -20.48
C THR A 270 15.21 21.71 -21.47
N ILE A 271 15.02 21.16 -22.67
CA ILE A 271 14.23 21.79 -23.72
C ILE A 271 13.30 20.73 -24.31
N PRO A 272 12.23 21.15 -24.99
CA PRO A 272 11.32 20.16 -25.59
C PRO A 272 11.78 19.62 -26.94
N GLU A 273 12.72 20.29 -27.63
CA GLU A 273 13.12 19.89 -28.99
C GLU A 273 14.18 18.80 -28.91
N THR A 274 13.73 17.60 -28.55
CA THR A 274 14.62 16.46 -28.39
C THR A 274 13.97 15.23 -28.99
N ASN A 275 14.74 14.13 -29.03
N ASN A 275 14.75 14.14 -29.05
CA ASN A 275 14.27 12.85 -29.55
CA ASN A 275 14.26 12.85 -29.54
C ASN A 275 14.83 11.76 -28.62
C ASN A 275 14.82 11.77 -28.63
N ILE A 276 14.19 11.61 -27.47
CA ILE A 276 14.61 10.64 -26.47
C ILE A 276 14.21 9.24 -26.93
N PRO A 277 15.15 8.31 -27.07
CA PRO A 277 14.86 6.96 -27.61
C PRO A 277 14.36 6.01 -26.52
N TRP A 278 13.12 6.24 -26.08
CA TRP A 278 12.50 5.44 -25.04
C TRP A 278 12.50 3.96 -25.42
N GLY A 279 12.83 3.12 -24.46
CA GLY A 279 12.86 1.70 -24.65
C GLY A 279 13.34 1.00 -23.39
N PRO A 280 13.19 -0.31 -23.34
CA PRO A 280 13.59 -1.04 -22.13
C PRO A 280 15.07 -0.86 -21.83
N ALA A 281 15.35 -0.39 -20.62
CA ALA A 281 16.70 -0.25 -20.09
C ALA A 281 17.61 0.59 -21.00
N PHE A 282 17.06 1.55 -21.73
CA PHE A 282 17.89 2.31 -22.67
C PHE A 282 18.98 3.11 -21.98
N MET A 283 18.79 3.49 -20.71
CA MET A 283 19.83 4.22 -19.98
C MET A 283 20.98 3.34 -19.52
N GLY A 284 20.86 2.01 -19.65
CA GLY A 284 21.88 1.11 -19.17
C GLY A 284 23.29 1.45 -19.63
N PRO A 285 23.51 1.52 -20.94
CA PRO A 285 24.86 1.80 -21.44
C PRO A 285 25.36 3.19 -21.04
N ILE A 286 24.46 4.16 -20.90
CA ILE A 286 24.88 5.51 -20.53
C ILE A 286 25.30 5.54 -19.06
N ALA A 287 24.48 4.96 -18.17
CA ALA A 287 24.85 4.88 -16.78
C ALA A 287 26.16 4.11 -16.59
N GLU A 288 26.35 3.05 -17.38
CA GLU A 288 27.59 2.28 -17.28
C GLU A 288 28.79 3.14 -17.62
N ARG A 289 28.67 3.97 -18.65
CA ARG A 289 29.80 4.81 -19.04
C ARG A 289 30.11 5.85 -17.97
N VAL A 290 29.08 6.47 -17.39
CA VAL A 290 29.32 7.42 -16.31
C VAL A 290 30.00 6.72 -15.14
N ARG A 291 29.48 5.56 -14.75
CA ARG A 291 30.03 4.80 -13.63
C ARG A 291 31.51 4.50 -13.85
N ARG A 292 31.83 3.98 -15.03
CA ARG A 292 33.19 3.55 -15.33
C ARG A 292 34.14 4.74 -15.50
N GLU A 293 33.69 5.79 -16.18
CA GLU A 293 34.61 6.89 -16.49
C GLU A 293 34.74 7.88 -15.34
N ALA A 294 33.67 8.12 -14.59
CA ALA A 294 33.77 9.00 -13.42
C ALA A 294 34.12 8.24 -12.15
N LYS A 295 34.09 6.91 -12.18
CA LYS A 295 34.52 6.07 -11.05
C LYS A 295 33.70 6.38 -9.81
N LEU A 296 32.38 6.36 -9.98
CA LEU A 296 31.40 6.73 -8.97
C LEU A 296 30.24 5.73 -9.06
N PRO A 297 29.70 5.30 -7.92
CA PRO A 297 28.51 4.45 -7.98
C PRO A 297 27.34 5.20 -8.61
N VAL A 298 26.44 4.46 -9.27
CA VAL A 298 25.33 5.09 -9.98
C VAL A 298 24.05 4.30 -9.80
N THR A 299 22.92 5.00 -9.96
CA THR A 299 21.65 4.37 -10.25
C THR A 299 21.09 5.02 -11.51
N SER A 300 20.09 4.38 -12.11
CA SER A 300 19.34 5.01 -13.18
C SER A 300 17.94 4.42 -13.18
N ALA A 301 17.13 4.87 -14.13
CA ALA A 301 15.72 4.55 -14.19
C ALA A 301 15.29 4.60 -15.65
N TRP A 302 13.98 4.76 -15.88
CA TRP A 302 13.40 4.96 -17.22
C TRP A 302 13.43 3.67 -18.03
N GLY A 303 12.91 2.60 -17.44
CA GLY A 303 12.71 1.38 -18.21
C GLY A 303 13.43 0.16 -17.69
N PHE A 304 13.82 0.15 -16.41
CA PHE A 304 14.39 -1.03 -15.79
C PHE A 304 13.36 -1.84 -15.01
N GLY A 305 12.08 -1.47 -15.11
CA GLY A 305 11.04 -2.01 -14.25
C GLY A 305 10.49 -3.38 -14.58
N THR A 306 11.36 -4.32 -14.97
CA THR A 306 11.02 -5.73 -14.91
C THR A 306 12.11 -6.43 -14.14
N PRO A 307 11.79 -7.53 -13.44
CA PRO A 307 12.82 -8.18 -12.63
C PRO A 307 14.05 -8.59 -13.44
N GLN A 308 13.87 -9.11 -14.66
CA GLN A 308 15.02 -9.56 -15.43
C GLN A 308 15.87 -8.41 -15.93
N LEU A 309 15.23 -7.30 -16.35
CA LEU A 309 16.01 -6.15 -16.80
C LEU A 309 16.85 -5.58 -15.66
N ALA A 310 16.24 -5.46 -14.47
CA ALA A 310 16.96 -4.97 -13.30
C ALA A 310 18.14 -5.88 -12.96
N GLU A 311 17.89 -7.19 -12.92
CA GLU A 311 18.95 -8.14 -12.63
C GLU A 311 20.08 -8.04 -13.64
N ALA A 312 19.73 -7.95 -14.93
CA ALA A 312 20.75 -7.90 -15.98
C ALA A 312 21.63 -6.67 -15.85
N ALA A 313 21.03 -5.53 -15.48
CA ALA A 313 21.81 -4.30 -15.39
C ALA A 313 22.83 -4.38 -14.26
N LEU A 314 22.46 -5.01 -13.14
CA LEU A 314 23.38 -5.18 -12.03
C LEU A 314 24.47 -6.21 -12.36
N GLN A 315 24.11 -7.32 -12.99
N GLN A 315 24.11 -7.33 -12.99
CA GLN A 315 25.11 -8.31 -13.34
CA GLN A 315 25.12 -8.32 -13.34
C GLN A 315 26.12 -7.76 -14.35
C GLN A 315 26.12 -7.76 -14.35
N ALA A 316 25.67 -6.86 -15.22
CA ALA A 316 26.56 -6.22 -16.19
C ALA A 316 27.36 -5.08 -15.60
N ASN A 317 27.21 -4.80 -14.31
CA ASN A 317 27.89 -3.69 -13.64
C ASN A 317 27.61 -2.37 -14.32
N GLN A 318 26.38 -2.19 -14.80
CA GLN A 318 25.96 -0.91 -15.35
C GLN A 318 25.45 0.04 -14.27
N LEU A 319 24.93 -0.55 -13.19
CA LEU A 319 24.31 0.17 -12.09
C LEU A 319 24.75 -0.48 -10.79
N ASP A 320 24.70 0.30 -9.72
CA ASP A 320 24.83 -0.25 -8.37
C ASP A 320 23.49 -0.43 -7.68
N LEU A 321 22.51 0.41 -8.00
CA LEU A 321 21.13 0.26 -7.54
C LEU A 321 20.24 0.43 -8.76
N VAL A 322 19.15 -0.32 -8.79
CA VAL A 322 18.17 -0.18 -9.86
C VAL A 322 16.99 0.62 -9.31
N SER A 323 16.71 1.77 -9.91
CA SER A 323 15.55 2.56 -9.49
C SER A 323 14.34 2.12 -10.29
N VAL A 324 13.27 1.77 -9.58
CA VAL A 324 12.06 1.23 -10.17
C VAL A 324 10.91 2.11 -9.68
N GLY A 325 10.38 2.94 -10.58
CA GLY A 325 9.41 3.94 -10.19
C GLY A 325 7.97 3.54 -10.48
N ARG A 326 7.58 3.60 -11.75
CA ARG A 326 6.17 3.40 -12.08
C ARG A 326 5.65 2.02 -11.66
N ALA A 327 6.49 0.98 -11.72
CA ALA A 327 6.03 -0.34 -11.30
C ALA A 327 5.61 -0.36 -9.84
N HIS A 328 6.17 0.52 -9.00
CA HIS A 328 5.77 0.61 -7.60
C HIS A 328 4.50 1.43 -7.40
N LEU A 329 4.14 2.28 -8.35
CA LEU A 329 2.82 2.88 -8.33
C LEU A 329 1.77 1.85 -8.69
N ALA A 330 2.07 1.00 -9.68
CA ALA A 330 1.16 -0.07 -10.04
C ALA A 330 1.01 -1.08 -8.91
N ASP A 331 2.12 -1.46 -8.28
CA ASP A 331 2.14 -2.51 -7.26
C ASP A 331 3.13 -2.06 -6.18
N PRO A 332 2.63 -1.54 -5.05
N PRO A 332 2.64 -1.55 -5.04
CA PRO A 332 3.53 -1.13 -3.96
CA PRO A 332 3.58 -1.12 -3.99
C PRO A 332 4.42 -2.26 -3.47
C PRO A 332 4.40 -2.25 -3.41
N HIS A 333 4.04 -3.51 -3.69
CA HIS A 333 4.84 -4.67 -3.31
C HIS A 333 5.68 -5.20 -4.46
N TRP A 334 6.10 -4.33 -5.40
CA TRP A 334 6.83 -4.81 -6.57
C TRP A 334 8.09 -5.59 -6.17
N ALA A 335 8.77 -5.18 -5.10
CA ALA A 335 9.99 -5.89 -4.71
C ALA A 335 9.71 -7.36 -4.40
N TYR A 336 8.57 -7.66 -3.79
CA TYR A 336 8.17 -9.05 -3.59
C TYR A 336 7.90 -9.76 -4.91
N PHE A 337 7.20 -9.09 -5.83
CA PHE A 337 6.98 -9.65 -7.15
C PHE A 337 8.30 -9.98 -7.83
N ALA A 338 9.28 -9.08 -7.71
CA ALA A 338 10.59 -9.32 -8.31
C ALA A 338 11.30 -10.50 -7.66
N ALA A 339 11.23 -10.61 -6.33
CA ALA A 339 11.86 -11.73 -5.64
C ALA A 339 11.28 -13.07 -6.08
N LYS A 340 9.96 -13.13 -6.23
CA LYS A 340 9.31 -14.33 -6.77
C LYS A 340 9.82 -14.66 -8.16
N GLU A 341 9.82 -13.67 -9.06
CA GLU A 341 10.20 -13.93 -10.44
C GLU A 341 11.65 -14.39 -10.55
N LEU A 342 12.53 -13.82 -9.74
CA LEU A 342 13.95 -14.16 -9.77
C LEU A 342 14.28 -15.39 -8.92
N GLY A 343 13.26 -16.06 -8.37
CA GLY A 343 13.49 -17.29 -7.64
C GLY A 343 14.26 -17.14 -6.35
N VAL A 344 14.14 -15.99 -5.68
CA VAL A 344 14.76 -15.80 -4.38
C VAL A 344 14.18 -16.81 -3.40
N GLU A 345 15.05 -17.44 -2.61
CA GLU A 345 14.57 -18.35 -1.59
C GLU A 345 13.81 -17.58 -0.51
N LYS A 346 12.69 -18.14 -0.08
CA LYS A 346 11.79 -17.48 0.87
C LYS A 346 11.40 -16.09 0.37
N ALA A 347 11.02 -16.04 -0.91
CA ALA A 347 10.70 -14.77 -1.55
C ALA A 347 9.57 -14.02 -0.83
N SER A 348 8.64 -14.75 -0.22
N SER A 348 8.64 -14.75 -0.22
CA SER A 348 7.52 -14.07 0.43
CA SER A 348 7.52 -14.10 0.44
C SER A 348 7.98 -13.24 1.62
C SER A 348 7.98 -13.25 1.62
N TRP A 349 9.12 -13.60 2.23
CA TRP A 349 9.64 -12.84 3.36
C TRP A 349 10.40 -11.59 2.95
N THR A 350 10.32 -11.24 1.66
CA THR A 350 10.54 -9.87 1.24
C THR A 350 9.53 -8.93 1.90
N LEU A 351 8.34 -9.45 2.23
CA LEU A 351 7.27 -8.72 2.88
C LEU A 351 7.28 -8.99 4.39
N PRO A 352 6.61 -8.15 5.18
CA PRO A 352 6.50 -8.43 6.61
C PRO A 352 5.65 -9.66 6.87
N ALA A 353 5.83 -10.22 8.06
CA ALA A 353 5.20 -11.49 8.45
C ALA A 353 3.69 -11.59 8.19
N PRO A 354 2.87 -10.57 8.46
CA PRO A 354 1.41 -10.74 8.25
C PRO A 354 1.04 -11.00 6.80
N TYR A 355 1.94 -10.72 5.86
CA TYR A 355 1.79 -11.11 4.46
C TYR A 355 2.65 -12.32 4.12
N ALA A 356 3.91 -12.31 4.55
CA ALA A 356 4.87 -13.34 4.16
C ALA A 356 4.41 -14.73 4.55
N HIS A 357 3.85 -14.87 5.76
CA HIS A 357 3.46 -16.20 6.22
C HIS A 357 2.48 -16.86 5.26
N TRP A 358 1.54 -16.08 4.72
CA TRP A 358 0.47 -16.62 3.92
C TRP A 358 0.85 -16.80 2.46
N LEU A 359 1.77 -16.00 1.96
CA LEU A 359 2.20 -16.10 0.57
C LEU A 359 3.28 -17.14 0.37
N GLU A 360 3.90 -17.59 1.46
CA GLU A 360 4.73 -18.78 1.40
C GLU A 360 3.89 -20.03 1.22
N ARG A 361 2.67 -20.03 1.77
CA ARG A 361 1.77 -21.18 1.91
C ARG A 361 2.26 -22.08 3.04
N SER B 2 -17.31 -5.82 -18.36
CA SER B 2 -16.82 -6.74 -17.33
C SER B 2 -17.76 -6.76 -16.11
N ALA B 3 -18.30 -7.94 -15.80
CA ALA B 3 -19.17 -8.05 -14.63
C ALA B 3 -18.43 -7.70 -13.34
N LEU B 4 -17.12 -7.98 -13.27
CA LEU B 4 -16.36 -7.72 -12.06
C LEU B 4 -16.35 -6.24 -11.73
N PHE B 5 -16.50 -5.36 -12.73
CA PHE B 5 -16.43 -3.93 -12.50
C PHE B 5 -17.77 -3.23 -12.66
N GLU B 6 -18.87 -3.98 -12.59
CA GLU B 6 -20.18 -3.38 -12.43
C GLU B 6 -20.42 -3.02 -10.97
N PRO B 7 -21.05 -1.87 -10.70
CA PRO B 7 -21.40 -1.52 -9.32
C PRO B 7 -22.45 -2.47 -8.75
N TYR B 8 -22.58 -2.41 -7.43
CA TYR B 8 -23.52 -3.25 -6.69
C TYR B 8 -24.17 -2.41 -5.61
N THR B 9 -25.51 -2.44 -5.52
CA THR B 9 -26.22 -1.70 -4.49
C THR B 9 -26.96 -2.67 -3.58
N LEU B 10 -26.79 -2.48 -2.28
CA LEU B 10 -27.45 -3.28 -1.26
C LEU B 10 -27.84 -2.32 -0.15
N LYS B 11 -29.13 -2.27 0.17
CA LYS B 11 -29.69 -1.24 1.07
C LYS B 11 -29.24 0.11 0.51
N ASP B 12 -28.72 1.03 1.34
CA ASP B 12 -28.33 2.35 0.86
C ASP B 12 -26.87 2.43 0.42
N VAL B 13 -26.19 1.30 0.31
CA VAL B 13 -24.75 1.27 0.05
C VAL B 13 -24.52 0.85 -1.39
N THR B 14 -23.70 1.61 -2.11
CA THR B 14 -23.30 1.27 -3.47
C THR B 14 -21.80 1.03 -3.53
N LEU B 15 -21.42 -0.16 -3.97
CA LEU B 15 -20.02 -0.52 -4.19
C LEU B 15 -19.66 -0.22 -5.64
N ARG B 16 -18.46 0.32 -5.85
CA ARG B 16 -18.10 0.74 -7.21
C ARG B 16 -17.77 -0.43 -8.13
N ASN B 17 -17.53 -1.62 -7.58
CA ASN B 17 -17.31 -2.82 -8.38
C ASN B 17 -17.67 -4.01 -7.51
N ARG B 18 -17.48 -5.22 -8.05
CA ARG B 18 -17.84 -6.44 -7.36
C ARG B 18 -16.67 -7.07 -6.63
N ILE B 19 -15.55 -6.37 -6.49
CA ILE B 19 -14.39 -6.90 -5.80
C ILE B 19 -14.51 -6.56 -4.32
N ALA B 20 -14.57 -7.57 -3.48
CA ALA B 20 -14.59 -7.39 -2.04
C ALA B 20 -13.30 -7.95 -1.47
N ILE B 21 -12.71 -7.23 -0.52
CA ILE B 21 -11.58 -7.75 0.26
C ILE B 21 -12.18 -8.37 1.51
N PRO B 22 -12.07 -9.68 1.70
CA PRO B 22 -12.69 -10.32 2.86
C PRO B 22 -11.88 -10.06 4.11
N PRO B 23 -12.45 -10.29 5.28
CA PRO B 23 -11.71 -10.06 6.53
C PRO B 23 -10.46 -10.92 6.57
N MET B 24 -9.31 -10.29 6.86
CA MET B 24 -8.04 -11.00 6.99
C MET B 24 -7.28 -10.51 8.23
N CYS B 25 -7.31 -11.32 9.29
CA CYS B 25 -6.54 -11.05 10.49
C CYS B 25 -5.09 -10.73 10.19
N GLN B 26 -4.60 -9.67 10.84
CA GLN B 26 -3.21 -9.25 10.71
C GLN B 26 -2.35 -9.64 11.90
N PHE B 27 -2.96 -9.98 13.03
CA PHE B 27 -2.26 -10.41 14.24
C PHE B 27 -1.24 -9.37 14.71
N MET B 28 -1.55 -8.10 14.53
CA MET B 28 -0.62 -7.03 14.85
C MET B 28 -1.15 -6.06 15.90
N ALA B 29 -2.32 -6.30 16.46
CA ALA B 29 -2.87 -5.44 17.48
C ALA B 29 -2.29 -5.78 18.85
N GLU B 30 -2.38 -4.83 19.77
CA GLU B 30 -1.92 -5.03 21.14
C GLU B 30 -3.07 -4.70 22.07
N ASP B 31 -3.45 -5.66 22.92
CA ASP B 31 -4.58 -5.49 23.82
C ASP B 31 -5.83 -5.07 23.05
N GLY B 32 -5.99 -5.62 21.84
CA GLY B 32 -7.13 -5.35 21.00
C GLY B 32 -7.06 -4.07 20.19
N LEU B 33 -6.09 -3.19 20.44
CA LEU B 33 -6.04 -1.88 19.80
C LEU B 33 -5.28 -1.98 18.49
N ILE B 34 -5.90 -1.52 17.40
CA ILE B 34 -5.16 -1.48 16.14
C ILE B 34 -4.20 -0.30 16.18
N ASN B 35 -3.31 -0.23 15.18
CA ASN B 35 -2.20 0.72 15.23
C ASN B 35 -1.76 1.03 13.81
N ASP B 36 -0.53 1.55 13.66
CA ASP B 36 -0.06 1.98 12.35
C ASP B 36 0.02 0.83 11.36
N TRP B 37 0.20 -0.41 11.83
CA TRP B 37 0.18 -1.52 10.88
C TRP B 37 -1.13 -1.52 10.11
N HIS B 38 -2.25 -1.52 10.85
CA HIS B 38 -3.56 -1.62 10.24
C HIS B 38 -3.91 -0.38 9.42
N GLN B 39 -3.52 0.80 9.93
CA GLN B 39 -3.86 2.04 9.23
C GLN B 39 -3.35 2.02 7.80
N VAL B 40 -2.05 1.75 7.62
CA VAL B 40 -1.47 1.73 6.28
C VAL B 40 -1.98 0.54 5.48
N HIS B 41 -2.10 -0.62 6.13
CA HIS B 41 -2.54 -1.84 5.46
C HIS B 41 -3.90 -1.66 4.81
N TYR B 42 -4.87 -1.16 5.59
CA TYR B 42 -6.22 -1.00 5.07
C TYR B 42 -6.32 0.16 4.08
N ALA B 43 -5.65 1.29 4.38
CA ALA B 43 -5.72 2.43 3.47
C ALA B 43 -5.14 2.09 2.09
N SER B 44 -4.00 1.39 2.06
N SER B 44 -4.02 1.37 2.06
CA SER B 44 -3.37 1.06 0.80
CA SER B 44 -3.37 1.05 0.79
C SER B 44 -4.26 0.13 -0.04
C SER B 44 -4.22 0.10 -0.05
N MET B 45 -4.85 -0.89 0.59
CA MET B 45 -5.71 -1.81 -0.15
C MET B 45 -6.95 -1.09 -0.68
N ALA B 46 -7.51 -0.17 0.10
CA ALA B 46 -8.70 0.54 -0.36
C ALA B 46 -8.37 1.43 -1.56
N ARG B 47 -7.20 2.06 -1.55
CA ARG B 47 -6.76 2.84 -2.70
C ARG B 47 -6.51 1.95 -3.92
N GLY B 48 -6.29 0.66 -3.71
CA GLY B 48 -6.06 -0.28 -4.79
C GLY B 48 -7.25 -0.49 -5.70
N GLY B 49 -8.46 -0.16 -5.24
CA GLY B 49 -9.61 -0.12 -6.11
C GLY B 49 -10.77 -1.01 -5.70
N ALA B 50 -10.59 -1.91 -4.74
CA ALA B 50 -11.70 -2.78 -4.34
C ALA B 50 -12.91 -1.97 -3.87
N GLY B 51 -14.11 -2.45 -4.20
CA GLY B 51 -15.31 -1.73 -3.88
C GLY B 51 -15.72 -1.81 -2.42
N LEU B 52 -15.35 -2.89 -1.75
CA LEU B 52 -15.71 -3.13 -0.36
C LEU B 52 -14.49 -3.71 0.35
N LEU B 53 -14.20 -3.21 1.55
CA LEU B 53 -13.10 -3.71 2.36
C LEU B 53 -13.67 -4.10 3.71
N VAL B 54 -13.77 -5.40 3.99
CA VAL B 54 -14.24 -5.86 5.29
C VAL B 54 -13.04 -6.03 6.21
N VAL B 55 -12.99 -5.21 7.27
CA VAL B 55 -11.90 -5.31 8.24
C VAL B 55 -11.95 -6.66 8.93
N GLU B 56 -10.76 -7.19 9.22
CA GLU B 56 -10.50 -8.46 9.90
C GLU B 56 -11.39 -8.75 11.10
N ALA B 57 -11.52 -10.05 11.42
CA ALA B 57 -12.19 -10.53 12.63
C ALA B 57 -11.81 -9.70 13.84
N THR B 58 -12.79 -9.00 14.41
CA THR B 58 -12.57 -8.08 15.51
C THR B 58 -13.36 -8.58 16.68
N ALA B 59 -12.66 -8.94 17.77
CA ALA B 59 -13.27 -9.65 18.88
C ALA B 59 -14.25 -8.78 19.64
N VAL B 60 -15.42 -9.35 19.95
CA VAL B 60 -16.41 -8.66 20.78
C VAL B 60 -16.09 -8.71 22.26
N ALA B 61 -15.11 -9.50 22.68
CA ALA B 61 -14.73 -9.67 24.07
C ALA B 61 -13.29 -10.15 24.09
N PRO B 62 -12.54 -9.86 25.15
CA PRO B 62 -11.10 -10.21 25.14
C PRO B 62 -10.84 -11.70 24.94
N GLU B 63 -11.62 -12.57 25.58
CA GLU B 63 -11.43 -14.01 25.43
C GLU B 63 -11.89 -14.50 24.07
N GLY B 64 -12.55 -13.65 23.28
CA GLY B 64 -12.97 -13.99 21.93
C GLY B 64 -11.95 -13.70 20.86
N ARG B 65 -10.81 -13.09 21.20
CA ARG B 65 -9.69 -13.00 20.27
C ARG B 65 -9.19 -14.39 19.91
N ILE B 66 -8.70 -14.54 18.68
CA ILE B 66 -8.01 -15.79 18.37
C ILE B 66 -6.66 -15.82 19.08
N THR B 67 -5.91 -14.73 18.99
CA THR B 67 -4.53 -14.62 19.44
C THR B 67 -4.31 -13.34 20.23
N PRO B 68 -3.16 -13.20 20.90
CA PRO B 68 -2.84 -11.91 21.54
C PRO B 68 -2.65 -10.76 20.57
N GLY B 69 -2.60 -11.02 19.26
CA GLY B 69 -2.48 -9.97 18.27
C GLY B 69 -3.77 -9.57 17.60
N CYS B 70 -4.91 -10.11 18.04
CA CYS B 70 -6.17 -9.84 17.35
C CYS B 70 -6.76 -8.50 17.77
N ALA B 71 -7.40 -7.85 16.81
CA ALA B 71 -8.13 -6.62 17.06
C ALA B 71 -9.37 -6.88 17.91
N GLY B 72 -9.77 -5.87 18.68
CA GLY B 72 -10.96 -5.96 19.49
C GLY B 72 -11.80 -4.71 19.39
N ILE B 73 -13.06 -4.84 19.78
CA ILE B 73 -13.98 -3.70 19.80
C ILE B 73 -14.87 -3.80 21.04
N TRP B 74 -14.29 -4.25 22.15
CA TRP B 74 -15.05 -4.52 23.36
C TRP B 74 -15.13 -3.31 24.30
N SER B 75 -14.64 -2.15 23.87
CA SER B 75 -14.81 -0.90 24.61
C SER B 75 -14.94 0.22 23.60
N ASP B 76 -15.48 1.35 24.07
CA ASP B 76 -15.59 2.52 23.19
C ASP B 76 -14.21 3.01 22.72
N ALA B 77 -13.18 2.88 23.56
CA ALA B 77 -11.84 3.29 23.13
C ALA B 77 -11.32 2.40 22.00
N HIS B 78 -11.60 1.10 22.07
CA HIS B 78 -11.26 0.20 20.96
C HIS B 78 -11.98 0.63 19.68
N ALA B 79 -13.26 0.98 19.78
CA ALA B 79 -14.01 1.39 18.60
C ALA B 79 -13.47 2.68 18.01
N GLN B 80 -13.12 3.65 18.87
CA GLN B 80 -12.62 4.92 18.36
C GLN B 80 -11.32 4.73 17.60
N ALA B 81 -10.53 3.72 17.95
CA ALA B 81 -9.31 3.45 17.19
C ALA B 81 -9.57 3.05 15.74
N PHE B 82 -10.78 2.57 15.42
CA PHE B 82 -11.08 2.23 14.03
C PHE B 82 -11.48 3.43 13.21
N VAL B 83 -11.80 4.57 13.83
CA VAL B 83 -12.28 5.72 13.07
C VAL B 83 -11.32 6.13 11.95
N PRO B 84 -10.01 6.26 12.18
CA PRO B 84 -9.13 6.64 11.05
C PRO B 84 -9.06 5.59 9.97
N VAL B 85 -9.31 4.31 10.28
CA VAL B 85 -9.36 3.28 9.25
C VAL B 85 -10.62 3.44 8.41
N VAL B 86 -11.76 3.65 9.07
CA VAL B 86 -13.00 3.94 8.36
C VAL B 86 -12.82 5.13 7.44
N GLN B 87 -12.25 6.21 7.96
N GLN B 87 -12.24 6.22 7.95
CA GLN B 87 -12.06 7.43 7.18
CA GLN B 87 -12.10 7.42 7.13
C GLN B 87 -11.18 7.18 5.97
C GLN B 87 -11.17 7.19 5.95
N ALA B 88 -10.09 6.43 6.14
CA ALA B 88 -9.18 6.19 5.03
C ALA B 88 -9.81 5.30 3.96
N ILE B 89 -10.61 4.33 4.36
CA ILE B 89 -11.27 3.48 3.36
C ILE B 89 -12.28 4.30 2.56
N LYS B 90 -13.08 5.12 3.24
CA LYS B 90 -14.04 5.97 2.54
C LYS B 90 -13.33 7.00 1.66
N ALA B 91 -12.24 7.58 2.15
CA ALA B 91 -11.53 8.58 1.36
C ALA B 91 -11.01 8.00 0.06
N ALA B 92 -10.69 6.71 0.05
CA ALA B 92 -10.24 6.04 -1.16
C ALA B 92 -11.39 5.67 -2.11
N GLY B 93 -12.63 5.90 -1.71
CA GLY B 93 -13.77 5.54 -2.53
C GLY B 93 -14.25 4.12 -2.36
N SER B 94 -13.74 3.41 -1.37
CA SER B 94 -14.20 2.07 -1.03
C SER B 94 -15.19 2.16 0.11
N VAL B 95 -15.87 1.07 0.39
CA VAL B 95 -16.88 1.01 1.44
C VAL B 95 -16.29 0.25 2.63
N PRO B 96 -16.29 0.83 3.83
CA PRO B 96 -15.69 0.14 4.99
C PRO B 96 -16.69 -0.78 5.67
N GLY B 97 -16.29 -2.05 5.80
CA GLY B 97 -17.04 -3.02 6.58
C GLY B 97 -16.17 -3.58 7.68
N ILE B 98 -16.79 -4.30 8.60
CA ILE B 98 -16.05 -4.94 9.68
C ILE B 98 -16.71 -6.27 10.02
N GLN B 99 -15.89 -7.28 10.28
CA GLN B 99 -16.33 -8.56 10.76
C GLN B 99 -16.18 -8.59 12.28
N ILE B 100 -17.28 -8.79 13.02
CA ILE B 100 -17.20 -8.92 14.47
C ILE B 100 -17.34 -10.38 14.85
N ALA B 101 -16.59 -10.79 15.87
CA ALA B 101 -16.21 -12.19 16.00
C ALA B 101 -16.02 -12.60 17.45
N HIS B 102 -16.08 -13.92 17.66
CA HIS B 102 -15.68 -14.53 18.92
C HIS B 102 -15.12 -15.91 18.59
N ALA B 103 -13.85 -16.13 18.93
CA ALA B 103 -13.13 -17.32 18.49
C ALA B 103 -13.54 -18.60 19.21
N GLY B 104 -14.30 -18.53 20.30
CA GLY B 104 -14.78 -19.77 20.90
C GLY B 104 -13.62 -20.67 21.33
N ARG B 105 -13.71 -21.95 20.97
CA ARG B 105 -12.69 -22.88 21.44
C ARG B 105 -11.36 -22.75 20.71
N LYS B 106 -11.32 -22.04 19.59
CA LYS B 106 -10.07 -21.79 18.89
C LYS B 106 -9.33 -20.57 19.42
N ALA B 107 -9.84 -19.93 20.46
CA ALA B 107 -9.18 -18.77 21.04
C ALA B 107 -7.94 -19.18 21.83
N SER B 108 -7.21 -18.15 22.29
CA SER B 108 -5.98 -18.32 23.07
C SER B 108 -4.92 -19.12 22.31
N ALA B 109 -4.67 -18.71 21.07
CA ALA B 109 -3.72 -19.37 20.19
C ALA B 109 -2.57 -18.44 19.83
N ASN B 110 -1.44 -19.05 19.48
CA ASN B 110 -0.30 -18.28 18.99
C ASN B 110 -0.57 -17.71 17.60
N ARG B 111 0.13 -16.64 17.27
N ARG B 111 0.13 -16.63 17.26
CA ARG B 111 0.11 -16.11 15.91
CA ARG B 111 0.10 -16.11 15.92
C ARG B 111 0.55 -17.20 14.93
C ARG B 111 0.54 -17.20 14.93
N PRO B 112 0.05 -17.18 13.69
CA PRO B 112 0.34 -18.28 12.76
C PRO B 112 1.82 -18.50 12.49
N TRP B 113 2.63 -17.44 12.47
CA TRP B 113 4.06 -17.59 12.27
C TRP B 113 4.82 -17.74 13.59
N GLU B 114 4.11 -17.98 14.69
CA GLU B 114 4.70 -18.18 15.99
C GLU B 114 4.19 -19.48 16.61
N GLY B 115 3.92 -20.48 15.75
CA GLY B 115 3.54 -21.80 16.18
C GLY B 115 2.14 -22.21 15.76
N ASP B 116 1.23 -21.23 15.66
CA ASP B 116 -0.14 -21.43 15.18
C ASP B 116 -0.96 -22.35 16.07
N ASP B 117 -0.45 -22.72 17.24
CA ASP B 117 -1.08 -23.70 18.13
C ASP B 117 -1.65 -23.01 19.37
N HIS B 118 -2.38 -23.78 20.16
CA HIS B 118 -2.90 -23.24 21.41
C HIS B 118 -1.76 -22.83 22.33
N ILE B 119 -1.92 -21.71 22.99
CA ILE B 119 -0.94 -21.24 23.96
C ILE B 119 -0.90 -22.22 25.14
N GLY B 120 0.31 -22.56 25.58
CA GLY B 120 0.45 -23.52 26.66
C GLY B 120 -0.12 -22.99 27.97
N ALA B 121 -0.54 -23.92 28.83
CA ALA B 121 -1.15 -23.54 30.10
C ALA B 121 -0.17 -22.82 31.03
N ASP B 122 1.13 -23.02 30.85
CA ASP B 122 2.14 -22.34 31.65
C ASP B 122 2.50 -20.96 31.12
N ASP B 123 1.93 -20.56 29.97
CA ASP B 123 2.27 -19.32 29.30
C ASP B 123 1.24 -18.27 29.70
N ALA B 124 1.70 -17.20 30.35
CA ALA B 124 0.80 -16.20 30.90
C ALA B 124 0.08 -15.38 29.83
N ARG B 125 0.45 -15.52 28.55
CA ARG B 125 -0.26 -14.81 27.50
C ARG B 125 -1.62 -15.45 27.23
N GLY B 126 -1.85 -16.69 27.67
CA GLY B 126 -3.06 -17.40 27.33
C GLY B 126 -4.22 -17.09 28.27
N TRP B 127 -5.39 -17.63 27.92
CA TRP B 127 -6.59 -17.41 28.71
C TRP B 127 -7.53 -18.59 28.52
N GLU B 128 -8.44 -18.74 29.48
CA GLU B 128 -9.46 -19.78 29.39
C GLU B 128 -10.41 -19.48 28.23
N THR B 129 -10.75 -20.52 27.47
CA THR B 129 -11.66 -20.40 26.34
C THR B 129 -13.05 -20.89 26.72
N ILE B 130 -14.05 -20.43 25.97
CA ILE B 130 -15.44 -20.83 26.17
C ILE B 130 -16.02 -21.33 24.84
N ALA B 131 -17.04 -22.19 24.95
CA ALA B 131 -17.62 -22.86 23.79
C ALA B 131 -18.96 -23.44 24.20
N PRO B 132 -19.77 -23.92 23.25
CA PRO B 132 -21.03 -24.59 23.66
C PRO B 132 -20.81 -25.76 24.59
N SER B 133 -19.77 -26.57 24.34
CA SER B 133 -19.52 -27.77 25.11
C SER B 133 -18.02 -27.90 25.38
N ALA B 134 -17.70 -28.64 26.46
CA ALA B 134 -16.31 -28.83 26.87
C ALA B 134 -15.68 -29.94 26.05
N ILE B 135 -15.35 -29.60 24.81
N ILE B 135 -15.39 -29.61 24.79
CA ILE B 135 -14.76 -30.55 23.87
CA ILE B 135 -14.78 -30.53 23.83
C ILE B 135 -13.77 -29.79 22.99
C ILE B 135 -13.75 -29.75 23.02
N ALA B 136 -12.56 -30.32 22.89
CA ALA B 136 -11.49 -29.65 22.15
C ALA B 136 -11.63 -29.88 20.64
N PHE B 137 -11.15 -28.89 19.88
CA PHE B 137 -10.97 -29.05 18.44
C PHE B 137 -10.07 -30.24 18.14
N GLY B 138 -8.97 -30.37 18.88
CA GLY B 138 -7.98 -31.40 18.63
C GLY B 138 -6.79 -30.88 17.88
N ALA B 139 -5.98 -31.82 17.38
CA ALA B 139 -4.78 -31.49 16.62
C ALA B 139 -3.94 -30.42 17.31
N HIS B 140 -3.68 -29.30 16.63
CA HIS B 140 -2.85 -28.23 17.17
C HIS B 140 -3.60 -27.32 18.13
N LEU B 141 -4.89 -27.57 18.36
CA LEU B 141 -5.73 -26.79 19.28
C LEU B 141 -6.32 -27.74 20.32
N PRO B 142 -5.50 -28.30 21.20
CA PRO B 142 -6.00 -29.32 22.14
C PRO B 142 -6.70 -28.76 23.38
N ASN B 143 -6.68 -27.46 23.61
CA ASN B 143 -7.22 -26.93 24.86
C ASN B 143 -8.72 -27.16 24.95
N VAL B 144 -9.17 -27.72 26.07
CA VAL B 144 -10.59 -27.99 26.26
C VAL B 144 -11.27 -26.71 26.72
N PRO B 145 -12.27 -26.22 26.00
CA PRO B 145 -13.00 -25.02 26.43
C PRO B 145 -13.92 -25.33 27.59
N ARG B 146 -14.29 -24.27 28.30
CA ARG B 146 -15.33 -24.33 29.31
C ARG B 146 -16.69 -24.22 28.63
N ALA B 147 -17.63 -25.10 29.02
CA ALA B 147 -18.97 -25.04 28.47
C ALA B 147 -19.68 -23.78 28.99
N MET B 148 -20.28 -23.03 28.08
CA MET B 148 -20.89 -21.76 28.44
C MET B 148 -22.11 -21.94 29.34
N THR B 149 -22.25 -21.05 30.31
CA THR B 149 -23.47 -20.98 31.11
C THR B 149 -24.54 -20.18 30.37
N LEU B 150 -25.77 -20.24 30.88
CA LEU B 150 -26.80 -19.37 30.34
C LEU B 150 -26.41 -17.91 30.47
N ASP B 151 -25.79 -17.53 31.59
CA ASP B 151 -25.32 -16.15 31.74
C ASP B 151 -24.24 -15.81 30.72
N ASP B 152 -23.33 -16.76 30.46
CA ASP B 152 -22.33 -16.56 29.39
C ASP B 152 -23.01 -16.30 28.05
N ILE B 153 -24.05 -17.06 27.73
CA ILE B 153 -24.72 -16.89 26.44
C ILE B 153 -25.35 -15.52 26.35
N ALA B 154 -26.04 -15.08 27.42
CA ALA B 154 -26.59 -13.72 27.45
C ALA B 154 -25.50 -12.67 27.29
N ARG B 155 -24.36 -12.86 27.97
CA ARG B 155 -23.30 -11.87 27.95
C ARG B 155 -22.66 -11.77 26.56
N VAL B 156 -22.36 -12.90 25.93
CA VAL B 156 -21.72 -12.85 24.62
C VAL B 156 -22.67 -12.25 23.59
N LYS B 157 -23.98 -12.54 23.68
CA LYS B 157 -24.93 -11.90 22.79
C LYS B 157 -24.89 -10.39 22.96
N GLN B 158 -24.88 -9.91 24.21
CA GLN B 158 -24.81 -8.48 24.46
C GLN B 158 -23.48 -7.90 23.96
N ASP B 159 -22.40 -8.69 24.03
CA ASP B 159 -21.12 -8.21 23.49
C ASP B 159 -21.20 -8.02 21.98
N PHE B 160 -21.87 -8.94 21.26
CA PHE B 160 -22.10 -8.73 19.83
C PHE B 160 -22.92 -7.47 19.57
N VAL B 161 -23.96 -7.24 20.39
CA VAL B 161 -24.75 -6.02 20.23
C VAL B 161 -23.88 -4.79 20.44
N ASP B 162 -23.12 -4.76 21.54
CA ASP B 162 -22.26 -3.61 21.83
C ASP B 162 -21.26 -3.38 20.71
N ALA B 163 -20.71 -4.47 20.16
CA ALA B 163 -19.74 -4.35 19.07
C ALA B 163 -20.38 -3.78 17.81
N ALA B 164 -21.61 -4.21 17.51
CA ALA B 164 -22.32 -3.68 16.35
C ALA B 164 -22.67 -2.21 16.56
N ARG B 165 -23.08 -1.85 17.78
N ARG B 165 -23.09 -1.86 17.78
CA ARG B 165 -23.37 -0.45 18.10
CA ARG B 165 -23.36 -0.46 18.10
C ARG B 165 -22.12 0.40 17.89
C ARG B 165 -22.11 0.40 17.91
N ARG B 166 -20.97 -0.08 18.40
CA ARG B 166 -19.73 0.66 18.23
C ARG B 166 -19.31 0.75 16.78
N ALA B 167 -19.46 -0.35 16.02
CA ALA B 167 -19.09 -0.30 14.61
C ALA B 167 -19.93 0.71 13.86
N ARG B 168 -21.23 0.74 14.17
CA ARG B 168 -22.13 1.74 13.61
C ARG B 168 -21.65 3.15 13.92
N ASP B 169 -21.39 3.43 15.18
CA ASP B 169 -21.03 4.79 15.57
C ASP B 169 -19.65 5.17 15.04
N ALA B 170 -18.78 4.19 14.79
CA ALA B 170 -17.47 4.49 14.22
C ALA B 170 -17.53 4.75 12.71
N GLY B 171 -18.67 4.51 12.07
CA GLY B 171 -18.85 4.84 10.68
C GLY B 171 -18.75 3.69 9.71
N PHE B 172 -18.65 2.45 10.19
CA PHE B 172 -18.70 1.34 9.25
C PHE B 172 -20.06 1.30 8.57
N GLU B 173 -20.05 0.95 7.28
CA GLU B 173 -21.26 0.95 6.47
C GLU B 173 -21.74 -0.46 6.13
N TRP B 174 -21.12 -1.47 6.74
CA TRP B 174 -21.31 -2.85 6.35
C TRP B 174 -20.83 -3.68 7.52
N ILE B 175 -21.64 -4.60 8.02
CA ILE B 175 -21.22 -5.42 9.15
C ILE B 175 -21.34 -6.89 8.75
N GLU B 176 -20.41 -7.70 9.26
CA GLU B 176 -20.41 -9.14 9.02
C GLU B 176 -20.27 -9.87 10.35
N LEU B 177 -21.29 -10.65 10.71
CA LEU B 177 -21.20 -11.49 11.89
C LEU B 177 -20.40 -12.75 11.56
N HIS B 178 -19.35 -13.03 12.33
CA HIS B 178 -18.48 -14.16 12.05
C HIS B 178 -19.08 -15.44 12.65
N PHE B 179 -19.91 -16.09 11.85
CA PHE B 179 -20.53 -17.36 12.23
C PHE B 179 -19.87 -18.55 11.51
N ALA B 180 -18.60 -18.42 11.11
CA ALA B 180 -17.96 -19.45 10.30
C ALA B 180 -16.67 -19.92 10.96
N HIS B 181 -16.02 -20.91 10.32
CA HIS B 181 -14.62 -21.24 10.54
C HIS B 181 -14.36 -21.86 11.90
N GLY B 182 -15.38 -22.50 12.48
CA GLY B 182 -15.21 -23.24 13.70
C GLY B 182 -15.12 -22.40 14.95
N TYR B 183 -15.33 -21.10 14.84
CA TYR B 183 -15.32 -20.21 15.99
C TYR B 183 -16.66 -20.34 16.71
N LEU B 184 -16.97 -19.40 17.62
CA LEU B 184 -18.07 -19.62 18.55
C LEU B 184 -19.39 -19.93 17.82
N GLY B 185 -19.80 -19.06 16.90
CA GLY B 185 -21.10 -19.24 16.27
C GLY B 185 -21.20 -20.53 15.46
N GLN B 186 -20.19 -20.80 14.64
CA GLN B 186 -20.17 -22.07 13.90
C GLN B 186 -20.24 -23.26 14.85
N SER B 187 -19.56 -23.17 16.00
CA SER B 187 -19.53 -24.31 16.90
C SER B 187 -20.85 -24.53 17.63
N PHE B 188 -21.69 -23.49 17.75
CA PHE B 188 -23.04 -23.73 18.23
C PHE B 188 -23.88 -24.49 17.21
N PHE B 189 -23.68 -24.24 15.91
CA PHE B 189 -24.52 -24.90 14.92
C PHE B 189 -24.13 -26.36 14.72
N SER B 190 -22.84 -26.67 14.77
CA SER B 190 -22.36 -27.99 14.39
C SER B 190 -22.56 -29.01 15.50
N GLU B 191 -23.09 -30.18 15.12
CA GLU B 191 -23.22 -31.28 16.07
C GLU B 191 -21.86 -31.83 16.51
N HIS B 192 -20.79 -31.55 15.75
CA HIS B 192 -19.46 -31.99 16.15
C HIS B 192 -19.05 -31.38 17.48
N SER B 193 -19.40 -30.11 17.68
CA SER B 193 -18.89 -29.33 18.80
C SER B 193 -19.97 -29.01 19.82
N ASN B 194 -21.24 -29.10 19.44
CA ASN B 194 -22.34 -28.76 20.32
C ASN B 194 -22.99 -30.04 20.83
N LYS B 195 -22.71 -30.37 22.10
CA LYS B 195 -23.36 -31.51 22.76
C LYS B 195 -24.31 -31.05 23.86
N ARG B 196 -24.78 -29.81 23.81
CA ARG B 196 -25.62 -29.28 24.87
C ARG B 196 -26.96 -30.00 24.94
N THR B 197 -27.54 -30.01 26.13
CA THR B 197 -28.84 -30.63 26.38
C THR B 197 -29.90 -29.61 26.81
N ASP B 198 -29.62 -28.32 26.68
CA ASP B 198 -30.58 -27.28 26.99
C ASP B 198 -31.14 -26.71 25.69
N ALA B 199 -31.70 -25.49 25.76
CA ALA B 199 -32.33 -24.89 24.59
C ALA B 199 -31.34 -24.55 23.48
N TYR B 200 -30.03 -24.67 23.71
CA TYR B 200 -29.04 -24.23 22.74
C TYR B 200 -28.30 -25.39 22.09
N GLY B 201 -28.79 -26.63 22.26
CA GLY B 201 -28.17 -27.79 21.64
C GLY B 201 -29.19 -28.86 21.37
N GLY B 202 -28.80 -29.81 20.52
CA GLY B 202 -29.65 -30.93 20.16
C GLY B 202 -30.31 -30.74 18.81
N SER B 203 -31.55 -30.27 18.83
CA SER B 203 -32.33 -30.13 17.61
C SER B 203 -31.74 -29.05 16.70
N PHE B 204 -32.21 -29.06 15.45
CA PHE B 204 -31.85 -28.00 14.51
C PHE B 204 -32.25 -26.63 15.05
N ASP B 205 -33.48 -26.50 15.57
CA ASP B 205 -33.90 -25.24 16.17
C ASP B 205 -32.96 -24.81 17.28
N ASN B 206 -32.57 -25.76 18.13
CA ASN B 206 -31.75 -25.41 19.28
C ASN B 206 -30.33 -25.05 18.86
N ARG B 207 -29.74 -25.80 17.93
CA ARG B 207 -28.40 -25.47 17.48
C ARG B 207 -28.36 -24.15 16.72
N SER B 208 -29.46 -23.80 16.03
N SER B 208 -29.45 -23.79 16.05
CA SER B 208 -29.54 -22.52 15.34
CA SER B 208 -29.52 -22.52 15.34
C SER B 208 -29.75 -21.36 16.30
C SER B 208 -29.92 -21.36 16.25
N ARG B 209 -30.23 -21.63 17.51
CA ARG B 209 -30.77 -20.58 18.40
C ARG B 209 -29.75 -19.50 18.72
N PHE B 210 -28.52 -19.88 19.05
CA PHE B 210 -27.53 -18.85 19.40
C PHE B 210 -27.31 -17.91 18.23
N LEU B 211 -27.25 -18.46 17.00
CA LEU B 211 -26.99 -17.64 15.83
C LEU B 211 -28.18 -16.74 15.50
N LEU B 212 -29.40 -17.30 15.55
CA LEU B 212 -30.57 -16.48 15.26
C LEU B 212 -30.80 -15.41 16.31
N GLU B 213 -30.60 -15.75 17.60
CA GLU B 213 -30.79 -14.77 18.66
C GLU B 213 -29.73 -13.67 18.59
N THR B 214 -28.49 -14.02 18.25
CA THR B 214 -27.47 -13.00 18.09
C THR B 214 -27.79 -12.09 16.91
N LEU B 215 -28.22 -12.68 15.78
CA LEU B 215 -28.61 -11.86 14.64
C LEU B 215 -29.75 -10.91 15.00
N ALA B 216 -30.78 -11.41 15.69
CA ALA B 216 -31.90 -10.56 16.05
C ALA B 216 -31.47 -9.44 16.99
N ALA B 217 -30.56 -9.76 17.93
CA ALA B 217 -30.16 -8.73 18.89
C ALA B 217 -29.31 -7.65 18.21
N VAL B 218 -28.45 -8.06 17.29
CA VAL B 218 -27.65 -7.10 16.52
C VAL B 218 -28.57 -6.27 15.63
N ARG B 219 -29.59 -6.90 15.07
CA ARG B 219 -30.52 -6.21 14.19
C ARG B 219 -31.17 -5.01 14.86
N GLU B 220 -31.33 -5.05 16.19
CA GLU B 220 -31.97 -3.96 16.90
C GLU B 220 -31.15 -2.69 16.91
N VAL B 221 -29.82 -2.81 16.86
CA VAL B 221 -28.94 -1.64 16.93
C VAL B 221 -28.28 -1.31 15.60
N TRP B 222 -28.29 -2.22 14.64
CA TRP B 222 -27.63 -1.96 13.37
C TRP B 222 -28.63 -1.29 12.41
N PRO B 223 -28.23 -0.23 11.73
CA PRO B 223 -29.21 0.53 10.93
C PRO B 223 -29.84 -0.30 9.81
N GLU B 224 -31.13 -0.09 9.62
CA GLU B 224 -31.90 -0.74 8.56
C GLU B 224 -31.29 -0.49 7.19
N ASN B 225 -30.71 0.69 6.97
CA ASN B 225 -30.26 1.10 5.64
C ASN B 225 -28.83 0.69 5.33
N LEU B 226 -28.16 -0.04 6.22
CA LEU B 226 -26.82 -0.54 5.96
C LEU B 226 -26.82 -2.06 5.93
N PRO B 227 -26.10 -2.68 5.00
CA PRO B 227 -26.14 -4.15 4.88
C PRO B 227 -25.75 -4.84 6.17
N LEU B 228 -26.59 -5.79 6.58
CA LEU B 228 -26.37 -6.66 7.71
C LEU B 228 -26.03 -8.03 7.14
N THR B 229 -24.80 -8.49 7.33
CA THR B 229 -24.36 -9.72 6.70
C THR B 229 -23.74 -10.67 7.72
N ALA B 230 -23.50 -11.90 7.28
CA ALA B 230 -22.86 -12.90 8.13
C ALA B 230 -22.00 -13.80 7.28
N ARG B 231 -20.95 -14.35 7.87
CA ARG B 231 -20.16 -15.41 7.27
C ARG B 231 -20.54 -16.72 7.95
N PHE B 232 -20.76 -17.77 7.16
CA PHE B 232 -21.27 -19.02 7.70
C PHE B 232 -20.67 -20.16 6.90
N GLY B 233 -20.14 -21.16 7.61
CA GLY B 233 -19.63 -22.36 6.97
C GLY B 233 -20.76 -23.32 6.68
N VAL B 234 -21.02 -23.61 5.41
CA VAL B 234 -22.23 -24.35 5.05
C VAL B 234 -21.98 -25.84 4.87
N LEU B 235 -20.73 -26.28 4.85
CA LEU B 235 -20.40 -27.70 4.89
C LEU B 235 -18.99 -27.85 5.45
N GLU B 236 -18.67 -29.07 5.86
CA GLU B 236 -17.40 -29.36 6.52
C GLU B 236 -16.45 -30.21 5.70
N TYR B 237 -16.94 -30.87 4.64
CA TYR B 237 -16.19 -31.92 3.95
C TYR B 237 -15.78 -33.01 4.94
N ASP B 238 -16.76 -33.43 5.73
CA ASP B 238 -16.61 -34.40 6.81
C ASP B 238 -17.38 -35.68 6.54
N GLY B 239 -17.78 -35.91 5.29
CA GLY B 239 -18.59 -37.07 4.97
C GLY B 239 -20.06 -36.92 5.27
N ARG B 240 -20.51 -35.73 5.72
CA ARG B 240 -21.90 -35.45 6.01
C ARG B 240 -22.42 -34.29 5.16
N ASP B 241 -21.84 -34.11 3.98
CA ASP B 241 -21.98 -32.84 3.27
C ASP B 241 -23.42 -32.59 2.80
N GLU B 242 -24.10 -33.61 2.26
CA GLU B 242 -25.43 -33.34 1.73
C GLU B 242 -26.39 -32.94 2.84
N GLN B 243 -26.35 -33.66 3.97
CA GLN B 243 -27.24 -33.33 5.09
C GLN B 243 -26.85 -32.01 5.74
N THR B 244 -25.54 -31.74 5.86
CA THR B 244 -25.11 -30.47 6.46
C THR B 244 -25.47 -29.30 5.57
N LEU B 245 -25.21 -29.40 4.26
CA LEU B 245 -25.57 -28.33 3.36
C LEU B 245 -27.07 -28.06 3.37
N GLU B 246 -27.88 -29.11 3.41
CA GLU B 246 -29.33 -28.90 3.43
C GLU B 246 -29.76 -28.11 4.66
N GLU B 247 -29.25 -28.51 5.84
CA GLU B 247 -29.58 -27.78 7.07
C GLU B 247 -29.03 -26.36 7.05
N SER B 248 -27.83 -26.19 6.49
CA SER B 248 -27.23 -24.85 6.45
C SER B 248 -28.04 -23.92 5.57
N ILE B 249 -28.56 -24.43 4.45
CA ILE B 249 -29.39 -23.62 3.58
C ILE B 249 -30.71 -23.29 4.28
N GLU B 250 -31.27 -24.23 5.04
CA GLU B 250 -32.46 -23.92 5.82
C GLU B 250 -32.19 -22.80 6.83
N LEU B 251 -31.03 -22.85 7.51
CA LEU B 251 -30.68 -21.75 8.42
C LEU B 251 -30.53 -20.44 7.66
N ALA B 252 -29.93 -20.48 6.46
CA ALA B 252 -29.81 -19.28 5.64
C ALA B 252 -31.18 -18.71 5.32
N ARG B 253 -32.19 -19.57 5.10
CA ARG B 253 -33.55 -19.06 4.92
C ARG B 253 -34.03 -18.32 6.17
N ARG B 254 -33.71 -18.85 7.35
CA ARG B 254 -34.14 -18.17 8.57
C ARG B 254 -33.34 -16.90 8.80
N PHE B 255 -32.07 -16.87 8.39
CA PHE B 255 -31.32 -15.62 8.40
C PHE B 255 -32.00 -14.56 7.54
N LYS B 256 -32.44 -14.96 6.35
CA LYS B 256 -33.11 -14.01 5.46
C LYS B 256 -34.38 -13.47 6.10
N ALA B 257 -35.18 -14.37 6.68
CA ALA B 257 -36.39 -13.96 7.38
C ALA B 257 -36.08 -13.01 8.53
N GLY B 258 -34.90 -13.13 9.12
CA GLY B 258 -34.44 -12.30 10.21
C GLY B 258 -33.67 -11.07 9.79
N GLY B 259 -33.76 -10.68 8.53
CA GLY B 259 -33.18 -9.44 8.06
C GLY B 259 -31.78 -9.51 7.48
N LEU B 260 -31.20 -10.69 7.30
CA LEU B 260 -29.86 -10.76 6.72
C LEU B 260 -29.90 -10.33 5.26
N ASP B 261 -28.95 -9.48 4.86
CA ASP B 261 -28.95 -8.93 3.51
C ASP B 261 -28.05 -9.68 2.54
N LEU B 262 -27.02 -10.36 3.04
CA LEU B 262 -26.04 -11.05 2.21
C LEU B 262 -25.34 -12.08 3.08
N LEU B 263 -25.02 -13.24 2.49
CA LEU B 263 -24.35 -14.31 3.20
C LEU B 263 -22.98 -14.56 2.55
N SER B 264 -21.93 -14.47 3.35
CA SER B 264 -20.59 -14.87 2.91
C SER B 264 -20.48 -16.37 3.16
N VAL B 265 -20.46 -17.13 2.07
CA VAL B 265 -20.56 -18.59 2.12
C VAL B 265 -19.16 -19.17 2.24
N SER B 266 -18.94 -20.00 3.26
CA SER B 266 -17.60 -20.53 3.50
C SER B 266 -17.72 -21.99 3.92
N VAL B 267 -16.60 -22.51 4.41
CA VAL B 267 -16.46 -23.86 4.92
C VAL B 267 -16.45 -23.79 6.46
N GLY B 268 -16.92 -24.85 7.10
CA GLY B 268 -17.08 -24.81 8.55
C GLY B 268 -15.77 -24.79 9.33
N PHE B 269 -14.78 -25.60 8.90
CA PHE B 269 -13.53 -25.76 9.66
C PHE B 269 -13.79 -26.05 11.14
N THR B 270 -14.88 -26.78 11.45
CA THR B 270 -15.24 -26.99 12.84
C THR B 270 -14.36 -28.02 13.52
N ILE B 271 -13.91 -29.02 12.76
CA ILE B 271 -13.06 -30.10 13.26
C ILE B 271 -11.93 -30.30 12.26
N PRO B 272 -10.83 -30.92 12.68
CA PRO B 272 -9.70 -31.14 11.74
C PRO B 272 -9.87 -32.36 10.84
N GLU B 273 -10.74 -33.31 11.18
CA GLU B 273 -10.86 -34.58 10.46
C GLU B 273 -11.77 -34.41 9.23
N THR B 274 -11.22 -33.73 8.22
CA THR B 274 -11.98 -33.37 7.02
C THR B 274 -11.10 -33.56 5.80
N ASN B 275 -11.71 -33.40 4.62
CA ASN B 275 -11.00 -33.56 3.33
C ASN B 275 -11.50 -32.47 2.39
N ILE B 276 -11.04 -31.24 2.63
CA ILE B 276 -11.45 -30.09 1.85
C ILE B 276 -10.79 -30.14 0.47
N PRO B 277 -11.57 -30.15 -0.61
CA PRO B 277 -11.01 -30.29 -1.97
C PRO B 277 -10.54 -28.96 -2.56
N TRP B 278 -9.47 -28.43 -1.97
CA TRP B 278 -8.89 -27.16 -2.42
C TRP B 278 -8.62 -27.18 -3.92
N GLY B 279 -8.98 -26.07 -4.58
CA GLY B 279 -8.77 -25.93 -5.99
C GLY B 279 -9.35 -24.62 -6.48
N PRO B 280 -9.08 -24.25 -7.74
CA PRO B 280 -9.54 -22.96 -8.24
C PRO B 280 -11.05 -22.85 -8.21
N ALA B 281 -11.55 -21.81 -7.55
CA ALA B 281 -12.97 -21.50 -7.52
C ALA B 281 -13.83 -22.67 -7.05
N PHE B 282 -13.29 -23.52 -6.17
CA PHE B 282 -14.02 -24.74 -5.83
C PHE B 282 -15.32 -24.45 -5.09
N MET B 283 -15.44 -23.30 -4.44
CA MET B 283 -16.67 -22.95 -3.74
C MET B 283 -17.76 -22.44 -4.67
N GLY B 284 -17.46 -22.19 -5.95
CA GLY B 284 -18.42 -21.65 -6.87
C GLY B 284 -19.77 -22.35 -6.86
N PRO B 285 -19.78 -23.67 -7.10
CA PRO B 285 -21.05 -24.41 -7.15
C PRO B 285 -21.79 -24.43 -5.82
N ILE B 286 -21.08 -24.44 -4.69
CA ILE B 286 -21.74 -24.43 -3.39
C ILE B 286 -22.37 -23.07 -3.12
N ALA B 287 -21.62 -21.99 -3.38
CA ALA B 287 -22.17 -20.65 -3.20
C ALA B 287 -23.38 -20.44 -4.09
N GLU B 288 -23.33 -20.96 -5.34
CA GLU B 288 -24.46 -20.82 -6.25
C GLU B 288 -25.70 -21.53 -5.70
N ARG B 289 -25.51 -22.73 -5.14
CA ARG B 289 -26.65 -23.46 -4.60
C ARG B 289 -27.26 -22.72 -3.42
N VAL B 290 -26.42 -22.17 -2.52
CA VAL B 290 -26.96 -21.41 -1.40
C VAL B 290 -27.71 -20.18 -1.89
N ARG B 291 -27.09 -19.44 -2.81
CA ARG B 291 -27.70 -18.24 -3.38
C ARG B 291 -29.07 -18.54 -3.96
N ARG B 292 -29.15 -19.57 -4.80
CA ARG B 292 -30.38 -19.92 -5.49
C ARG B 292 -31.43 -20.49 -4.55
N GLU B 293 -31.03 -21.40 -3.65
CA GLU B 293 -32.03 -22.08 -2.83
C GLU B 293 -32.50 -21.23 -1.66
N ALA B 294 -31.64 -20.41 -1.06
CA ALA B 294 -32.06 -19.54 0.02
C ALA B 294 -32.45 -18.14 -0.44
N LYS B 295 -32.25 -17.83 -1.72
CA LYS B 295 -32.67 -16.55 -2.30
C LYS B 295 -32.05 -15.37 -1.55
N LEU B 296 -30.74 -15.46 -1.35
CA LEU B 296 -29.93 -14.46 -0.68
C LEU B 296 -28.74 -14.14 -1.56
N PRO B 297 -28.34 -12.87 -1.66
CA PRO B 297 -27.06 -12.55 -2.31
C PRO B 297 -25.92 -13.18 -1.51
N VAL B 298 -24.86 -13.54 -2.21
CA VAL B 298 -23.74 -14.23 -1.58
C VAL B 298 -22.41 -13.69 -2.07
N THR B 299 -21.39 -13.87 -1.24
CA THR B 299 -20.01 -13.84 -1.69
C THR B 299 -19.36 -15.13 -1.24
N SER B 300 -18.19 -15.43 -1.80
CA SER B 300 -17.37 -16.53 -1.31
C SER B 300 -15.91 -16.22 -1.66
N ALA B 301 -15.03 -17.14 -1.31
CA ALA B 301 -13.59 -16.92 -1.39
C ALA B 301 -12.94 -18.29 -1.60
N TRP B 302 -11.65 -18.39 -1.26
CA TRP B 302 -10.91 -19.66 -1.28
C TRP B 302 -10.61 -20.13 -2.71
N GLY B 303 -10.03 -19.23 -3.49
CA GLY B 303 -9.57 -19.63 -4.82
C GLY B 303 -10.21 -18.92 -5.99
N PHE B 304 -10.84 -17.77 -5.76
CA PHE B 304 -11.34 -16.96 -6.87
C PHE B 304 -10.36 -15.88 -7.30
N GLY B 305 -9.14 -15.92 -6.77
CA GLY B 305 -8.20 -14.81 -6.89
C GLY B 305 -7.41 -14.71 -8.18
N THR B 306 -8.05 -14.95 -9.31
CA THR B 306 -7.54 -14.50 -10.60
C THR B 306 -8.64 -13.70 -11.29
N PRO B 307 -8.28 -12.76 -12.15
CA PRO B 307 -9.32 -11.96 -12.81
C PRO B 307 -10.33 -12.80 -13.57
N GLN B 308 -9.89 -13.83 -14.31
CA GLN B 308 -10.85 -14.61 -15.10
C GLN B 308 -11.73 -15.47 -14.21
N LEU B 309 -11.18 -16.06 -13.14
CA LEU B 309 -12.03 -16.86 -12.25
C LEU B 309 -13.08 -15.99 -11.58
N ALA B 310 -12.71 -14.78 -11.17
CA ALA B 310 -13.67 -13.87 -10.54
C ALA B 310 -14.75 -13.47 -11.52
N GLU B 311 -14.35 -13.10 -12.74
CA GLU B 311 -15.32 -12.72 -13.77
C GLU B 311 -16.25 -13.89 -14.10
N ALA B 312 -15.69 -15.10 -14.21
CA ALA B 312 -16.53 -16.25 -14.56
C ALA B 312 -17.59 -16.53 -13.51
N ALA B 313 -17.24 -16.39 -12.22
CA ALA B 313 -18.19 -16.68 -11.16
C ALA B 313 -19.36 -15.71 -11.19
N LEU B 314 -19.10 -14.43 -11.51
CA LEU B 314 -20.16 -13.44 -11.57
C LEU B 314 -21.07 -13.67 -12.78
N GLN B 315 -20.48 -13.94 -13.94
N GLN B 315 -20.48 -13.92 -13.94
CA GLN B 315 -21.30 -14.15 -15.13
CA GLN B 315 -21.27 -14.17 -15.15
C GLN B 315 -22.17 -15.39 -15.01
C GLN B 315 -22.18 -15.37 -14.96
N ALA B 316 -21.70 -16.41 -14.29
CA ALA B 316 -22.49 -17.61 -14.03
C ALA B 316 -23.48 -17.43 -12.89
N ASN B 317 -23.59 -16.23 -12.33
CA ASN B 317 -24.50 -15.94 -11.21
C ASN B 317 -24.30 -16.91 -10.06
N GLN B 318 -23.03 -17.26 -9.81
CA GLN B 318 -22.66 -18.03 -8.64
C GLN B 318 -22.46 -17.15 -7.42
N LEU B 319 -22.01 -15.92 -7.65
CA LEU B 319 -21.69 -14.94 -6.62
C LEU B 319 -22.28 -13.60 -7.04
N ASP B 320 -22.52 -12.75 -6.05
CA ASP B 320 -22.80 -11.34 -6.30
C ASP B 320 -21.58 -10.46 -6.11
N LEU B 321 -20.70 -10.82 -5.19
CA LEU B 321 -19.42 -10.17 -4.97
C LEU B 321 -18.37 -11.26 -4.92
N VAL B 322 -17.19 -10.98 -5.45
CA VAL B 322 -16.09 -11.94 -5.39
C VAL B 322 -15.13 -11.45 -4.33
N SER B 323 -14.91 -12.26 -3.29
CA SER B 323 -13.96 -11.92 -2.25
C SER B 323 -12.57 -12.41 -2.67
N VAL B 324 -11.60 -11.50 -2.65
CA VAL B 324 -10.24 -11.76 -3.13
C VAL B 324 -9.32 -11.35 -1.99
N GLY B 325 -8.78 -12.35 -1.28
CA GLY B 325 -8.04 -12.10 -0.06
C GLY B 325 -6.53 -12.08 -0.26
N ARG B 326 -5.93 -13.27 -0.39
CA ARG B 326 -4.47 -13.35 -0.39
C ARG B 326 -3.83 -12.56 -1.53
N ALA B 327 -4.51 -12.48 -2.69
CA ALA B 327 -3.95 -11.70 -3.79
C ALA B 327 -3.78 -10.23 -3.43
N HIS B 328 -4.60 -9.71 -2.50
CA HIS B 328 -4.45 -8.33 -2.04
C HIS B 328 -3.36 -8.16 -1.00
N LEU B 329 -2.96 -9.25 -0.32
CA LEU B 329 -1.76 -9.18 0.49
C LEU B 329 -0.52 -9.13 -0.39
N ALA B 330 -0.54 -9.91 -1.48
CA ALA B 330 0.56 -9.88 -2.42
C ALA B 330 0.64 -8.52 -3.12
N ASP B 331 -0.50 -7.99 -3.54
CA ASP B 331 -0.56 -6.76 -4.34
C ASP B 331 -1.76 -5.96 -3.83
N PRO B 332 -1.54 -4.93 -3.02
N PRO B 332 -1.55 -4.94 -3.00
CA PRO B 332 -2.67 -4.14 -2.52
CA PRO B 332 -2.70 -4.17 -2.51
C PRO B 332 -3.47 -3.48 -3.63
C PRO B 332 -3.44 -3.42 -3.61
N HIS B 333 -2.89 -3.34 -4.81
CA HIS B 333 -3.56 -2.78 -5.98
C HIS B 333 -4.12 -3.87 -6.89
N TRP B 334 -4.47 -5.04 -6.33
CA TRP B 334 -4.94 -6.13 -7.18
C TRP B 334 -6.14 -5.73 -8.04
N ALA B 335 -7.04 -4.89 -7.52
CA ALA B 335 -8.19 -4.50 -8.33
C ALA B 335 -7.78 -3.83 -9.62
N TYR B 336 -6.71 -3.02 -9.57
CA TYR B 336 -6.18 -2.42 -10.80
C TYR B 336 -5.60 -3.48 -11.74
N PHE B 337 -4.83 -4.42 -11.20
CA PHE B 337 -4.32 -5.53 -12.00
C PHE B 337 -5.45 -6.29 -12.69
N ALA B 338 -6.57 -6.48 -11.96
CA ALA B 338 -7.70 -7.20 -12.54
C ALA B 338 -8.37 -6.37 -13.64
N ALA B 339 -8.47 -5.05 -13.45
CA ALA B 339 -9.06 -4.19 -14.46
C ALA B 339 -8.25 -4.23 -15.75
N LYS B 340 -6.92 -4.22 -15.63
CA LYS B 340 -6.07 -4.33 -16.82
C LYS B 340 -6.29 -5.67 -17.53
N GLU B 341 -6.27 -6.76 -16.77
N GLU B 341 -6.24 -6.78 -16.78
CA GLU B 341 -6.35 -8.10 -17.36
CA GLU B 341 -6.36 -8.08 -17.42
C GLU B 341 -7.70 -8.35 -18.02
C GLU B 341 -7.69 -8.23 -18.12
N LEU B 342 -8.77 -7.73 -17.52
CA LEU B 342 -10.09 -7.87 -18.11
C LEU B 342 -10.39 -6.79 -19.13
N GLY B 343 -9.40 -5.97 -19.50
CA GLY B 343 -9.57 -4.99 -20.55
C GLY B 343 -10.55 -3.88 -20.25
N VAL B 344 -10.73 -3.53 -18.97
CA VAL B 344 -11.58 -2.41 -18.63
C VAL B 344 -11.05 -1.14 -19.28
N GLU B 345 -11.96 -0.33 -19.81
CA GLU B 345 -11.56 0.96 -20.37
C GLU B 345 -11.09 1.88 -19.25
N LYS B 346 -9.98 2.59 -19.51
CA LYS B 346 -9.35 3.46 -18.51
C LYS B 346 -9.07 2.68 -17.23
N ALA B 347 -8.47 1.48 -17.40
CA ALA B 347 -8.24 0.60 -16.26
C ALA B 347 -7.37 1.25 -15.20
N SER B 348 -6.45 2.14 -15.60
N SER B 348 -6.45 2.14 -15.60
CA SER B 348 -5.56 2.76 -14.62
CA SER B 348 -5.56 2.77 -14.64
C SER B 348 -6.33 3.62 -13.62
C SER B 348 -6.33 3.62 -13.63
N TRP B 349 -7.48 4.14 -14.02
CA TRP B 349 -8.29 4.98 -13.14
C TRP B 349 -9.13 4.18 -12.17
N THR B 350 -8.89 2.87 -12.09
CA THR B 350 -9.22 2.11 -10.90
C THR B 350 -8.49 2.65 -9.68
N LEU B 351 -7.29 3.25 -9.89
CA LEU B 351 -6.44 3.85 -8.88
C LEU B 351 -6.69 5.35 -8.78
N PRO B 352 -6.29 5.99 -7.67
CA PRO B 352 -6.39 7.45 -7.59
C PRO B 352 -5.46 8.13 -8.58
N ALA B 353 -5.78 9.40 -8.89
CA ALA B 353 -5.07 10.16 -9.92
C ALA B 353 -3.54 10.14 -9.81
N PRO B 354 -2.91 10.28 -8.63
CA PRO B 354 -1.43 10.32 -8.60
C PRO B 354 -0.78 9.04 -9.11
N TYR B 355 -1.54 7.95 -9.22
CA TYR B 355 -1.09 6.73 -9.88
C TYR B 355 -1.68 6.61 -11.28
N ALA B 356 -3.00 6.82 -11.39
CA ALA B 356 -3.71 6.55 -12.63
C ALA B 356 -3.17 7.34 -13.80
N HIS B 357 -2.80 8.61 -13.57
CA HIS B 357 -2.32 9.45 -14.67
C HIS B 357 -1.12 8.81 -15.36
N TRP B 358 -0.22 8.22 -14.58
CA TRP B 358 1.04 7.72 -15.11
C TRP B 358 0.93 6.31 -15.68
N LEU B 359 0.02 5.52 -15.13
CA LEU B 359 -0.15 4.16 -15.60
C LEU B 359 -1.00 4.08 -16.85
N GLU B 360 -1.79 5.12 -17.11
CA GLU B 360 -2.42 5.29 -18.42
C GLU B 360 -1.38 5.62 -19.48
N ARG B 361 -0.24 6.16 -19.08
CA ARG B 361 0.82 6.71 -19.94
C ARG B 361 0.34 8.01 -20.58
N1 FMN C . 12.04 12.21 -10.91
C2 FMN C . 12.67 13.09 -10.06
O2 FMN C . 13.88 13.28 -10.17
N3 FMN C . 11.96 13.78 -9.10
C4 FMN C . 10.59 13.60 -8.98
O4 FMN C . 9.95 14.17 -8.09
C4A FMN C . 9.97 12.69 -9.82
N5 FMN C . 8.63 12.51 -9.71
C5A FMN C . 7.99 11.59 -10.52
C6 FMN C . 6.63 11.40 -10.36
C7 FMN C . 5.97 10.50 -11.17
C7M FMN C . 4.50 10.29 -10.95
C8 FMN C . 6.67 9.79 -12.13
C8M FMN C . 5.93 8.82 -13.01
C9 FMN C . 8.03 9.98 -12.29
C9A FMN C . 8.71 10.88 -11.47
N10 FMN C . 10.06 11.11 -11.62
C10 FMN C . 10.69 12.00 -10.78
C1' FMN C . 10.88 10.33 -12.60
C2' FMN C . 11.09 8.97 -11.86
O2' FMN C . 11.87 9.12 -10.69
C3' FMN C . 11.70 7.90 -12.74
O3' FMN C . 12.92 8.38 -13.27
C4' FMN C . 10.76 7.57 -13.88
O4' FMN C . 9.49 7.20 -13.39
C5' FMN C . 11.34 6.45 -14.76
O5' FMN C . 11.55 5.25 -14.04
P FMN C . 10.50 4.03 -14.28
O1P FMN C . 9.12 4.59 -13.99
O2P FMN C . 10.86 2.93 -13.33
O3P FMN C . 10.59 3.58 -15.71
N1 O8R D . 10.63 15.42 -11.80
C4 O8R D . 10.60 14.33 -13.97
C5 O8R D . 11.58 14.46 -16.09
C6 O8R D . 10.50 14.12 -17.10
C7 O8R D . 9.25 15.18 -18.78
C1 O8R D . 7.74 15.66 -11.52
C2 O8R D . 8.46 15.17 -12.77
C3 O8R D . 9.97 14.99 -12.76
O1 O8R D . 7.87 14.93 -13.77
O2 O8R D . 10.72 13.14 -14.05
O3 O8R D . 11.02 15.15 -15.01
O4 O8R D . 12.02 15.29 -11.78
O5 O8R D . 9.84 15.29 -17.52
N1 O8R E . 7.09 -5.93 10.58
C4 O8R E . 7.05 -3.82 9.43
C5 O8R E . 6.05 -1.70 9.68
C6 O8R E . 5.39 -0.86 10.77
C7 O8R E . 3.80 -1.00 12.48
C1 O8R E . 10.00 -6.04 11.02
C2 O8R E . 9.29 -5.09 10.06
C3 O8R E . 7.76 -5.01 10.06
O1 O8R E . 9.92 -4.40 9.32
O2 O8R E . 7.00 -3.69 8.26
O3 O8R E . 6.43 -2.90 10.27
O4 O8R E . 5.70 -5.81 10.55
O5 O8R E . 4.66 -1.70 11.63
N1 O8R F . -6.44 -18.40 4.22
C4 O8R F . -5.12 -20.39 3.86
C5 O8R F . -2.97 -21.19 4.38
C6 O8R F . -1.55 -21.09 3.81
C7 O8R F . -1.64 -19.88 1.79
C1 O8R F . -6.53 -18.57 7.14
C2 O8R F . -5.96 -19.65 6.23
C3 O8R F . -5.90 -19.40 4.73
O1 O8R F . -5.56 -20.67 6.69
O2 O8R F . -5.65 -21.27 3.29
O3 O8R F . -3.75 -20.21 3.79
O4 O8R F . -6.34 -18.21 2.83
O5 O8R F . -1.40 -19.85 3.17
N1 O8R G . 7.84 9.35 -15.64
C4 O8R G . 7.04 9.39 -17.93
C5 O8R G . 5.38 8.63 -19.38
C6 O8R G . 3.89 8.35 -19.23
C7 O8R G . 4.09 7.56 -17.06
C1 O8R G . 7.56 12.16 -15.06
C2 O8R G . 7.29 11.55 -16.43
C3 O8R G . 7.43 10.04 -16.60
O1 O8R G . 6.98 12.22 -17.35
O2 O8R G . 7.83 8.73 -18.53
O3 O8R G . 5.77 9.60 -18.46
O4 O8R G . 7.97 7.96 -15.77
O5 O8R G . 3.70 7.27 -18.36
N1 FMN H . -11.62 -15.16 7.28
C2 FMN H . -12.50 -14.64 8.22
O2 FMN H . -13.69 -14.95 8.13
N3 FMN H . -12.06 -13.78 9.21
C4 FMN H . -10.73 -13.44 9.29
O4 FMN H . -10.31 -12.65 10.13
C4A FMN H . -9.85 -13.96 8.35
N5 FMN H . -8.53 -13.65 8.43
C5A FMN H . -7.65 -14.13 7.49
C6 FMN H . -6.32 -13.76 7.59
C7 FMN H . -5.41 -14.24 6.67
C7M FMN H . -3.98 -13.79 6.78
C8 FMN H . -5.83 -15.09 5.66
C8M FMN H . -4.82 -15.61 4.66
C9 FMN H . -7.16 -15.47 5.56
C9A FMN H . -8.09 -14.98 6.48
N10 FMN H . -9.42 -15.34 6.42
C10 FMN H . -10.29 -14.82 7.34
C1' FMN H . -9.93 -16.20 5.31
C2' FMN H . -10.09 -15.21 4.13
O2' FMN H . -11.09 -14.23 4.42
C3' FMN H . -10.37 -15.87 2.80
O3' FMN H . -11.55 -16.67 2.91
C4' FMN H . -9.21 -16.76 2.36
O4' FMN H . -8.00 -16.01 2.35
C5' FMN H . -9.46 -17.39 0.99
O5' FMN H . -9.64 -16.40 -0.01
P FMN H . -8.43 -16.18 -1.06
O1P FMN H . -8.83 -15.05 -1.97
O2P FMN H . -8.20 -17.46 -1.83
O3P FMN H . -7.24 -15.84 -0.22
N1 O8R I . -10.57 -16.64 10.41
C4 O8R I . -10.01 -18.46 8.89
C5 O8R I . -10.68 -20.66 8.41
C6 O8R I . -9.41 -21.44 8.03
C7 O8R I . -7.96 -23.07 8.88
C1 O8R I . -7.87 -16.01 11.16
C2 O8R I . -8.24 -17.22 10.32
C3 O8R I . -9.69 -17.37 9.91
O1 O8R I . -7.46 -18.04 9.98
O2 O8R I . -9.95 -18.25 7.73
O3 O8R I . -10.37 -19.71 9.39
O4 O8R I . -11.90 -16.78 10.05
O5 O8R I . -8.94 -22.10 9.16
N1 O8R J . -6.77 9.05 0.66
C4 O8R J . -7.31 10.34 -1.24
C5 O8R J . -7.83 8.76 -2.98
C6 O8R J . -8.39 9.59 -4.13
C7 O8R J . -8.12 11.81 -4.83
C1 O8R J . -5.99 11.27 2.45
C2 O8R J . -6.13 11.35 0.93
C3 O8R J . -6.73 10.17 0.16
O1 O8R J . -5.76 12.32 0.35
O2 O8R J . -7.04 11.30 -1.87
O3 O8R J . -8.16 9.34 -1.75
O4 O8R J . -7.33 8.00 -0.10
O5 O8R J . -7.49 10.62 -4.45
C1 PEG K . -3.60 7.78 11.27
O1 PEG K . -4.21 7.47 12.51
C2 PEG K . -4.42 8.81 10.53
O2 PEG K . -4.85 8.30 9.30
C3 PEG K . -5.77 9.14 8.65
C4 PEG K . -6.88 8.31 7.99
O4 PEG K . -8.12 8.75 8.44
C1 PEG L . -31.08 -4.07 10.34
O1 PEG L . -30.56 -4.29 11.62
C2 PEG L . -32.59 -4.25 10.29
O2 PEG L . -32.94 -4.72 9.02
C3 PEG L . -34.16 -5.40 8.94
C4 PEG L . -34.64 -5.51 7.50
O4 PEG L . -34.72 -6.85 7.12
#